data_7NG9
#
_entry.id   7NG9
#
_cell.length_a   1.00
_cell.length_b   1.00
_cell.length_c   1.00
_cell.angle_alpha   90.00
_cell.angle_beta   90.00
_cell.angle_gamma   90.00
#
_symmetry.space_group_name_H-M   'P 1'
#
_entity_poly.entity_id   1
_entity_poly.type   'polypeptide(L)'
_entity_poly.pdbx_seq_one_letter_code
;MKKLLPILIGLSLTGFSAMSQAENLLQVYQQARISNPDLRKSAADRDAAFEKINEARSPLLPQLGLGADYTYTSGFRDYK
DQNSNVTSGSLQLTQVLFDMSKWRALTLQEKAAGIQDVTYQTDQQTLILNTATAYFKVLAAIDTLSYTEAQKQAIYRQLD
QTTQRFNVGLVAITDVQNARSQYDAVLANEVTARNDLDNAVEELRQVTGNYYPELASLNVDGFKTSKPQAVNALLKEAEN
RNLSLLQARLNQDLAREQIRQAQDGHLPTLDLNASSGVSNNRYSGSKSISQDADIGQNKIGLSFSLPLYQGGMVNSQVKQ
AQYNFVGASEQLESAHRSVVQTVRSSFNNVNASISSINAYKQAVVSAQSSLDAMEAGYSVGTRTIVDVLDATTTLYNAKQ
QLSNARYNYLINELNIKSALGTLNEQDLIALNNTLGKPISTSADSVAPENPQQDATADGYGNTTAAMKPASARTTTHSSG
SNPFRQLEHHHHHH
;
_entity_poly.pdbx_strand_id   A,B,C
#
# COMPACT_ATOMS: atom_id res chain seq x y z
N GLU A 23 21.12 -18.88 -18.02
CA GLU A 23 21.65 -18.69 -19.39
C GLU A 23 22.58 -17.47 -19.41
N ASN A 24 21.99 -16.31 -19.13
CA ASN A 24 22.71 -15.05 -19.10
C ASN A 24 21.71 -13.98 -18.67
N LEU A 25 22.23 -12.79 -18.34
CA LEU A 25 21.36 -11.72 -17.90
C LEU A 25 20.59 -11.10 -19.06
N LEU A 26 21.27 -10.92 -20.20
CA LEU A 26 20.61 -10.30 -21.35
C LEU A 26 19.47 -11.17 -21.86
N GLN A 27 19.71 -12.47 -22.00
CA GLN A 27 18.65 -13.36 -22.47
C GLN A 27 17.50 -13.39 -21.48
N VAL A 28 17.82 -13.34 -20.19
CA VAL A 28 16.77 -13.32 -19.17
C VAL A 28 15.91 -12.07 -19.33
N TYR A 29 16.53 -10.92 -19.52
CA TYR A 29 15.75 -9.70 -19.70
C TYR A 29 14.93 -9.76 -20.97
N GLN A 30 15.45 -10.38 -22.03
CA GLN A 30 14.68 -10.53 -23.25
C GLN A 30 13.43 -11.36 -22.99
N GLN A 31 13.60 -12.54 -22.40
CA GLN A 31 12.45 -13.39 -22.09
C GLN A 31 11.45 -12.66 -21.21
N ALA A 32 11.94 -11.90 -20.24
CA ALA A 32 11.05 -11.13 -19.37
C ALA A 32 10.24 -10.13 -20.19
N ARG A 33 10.92 -9.18 -20.82
CA ARG A 33 10.25 -8.18 -21.63
C ARG A 33 9.23 -8.79 -22.56
N ILE A 34 9.50 -10.00 -23.05
CA ILE A 34 8.58 -10.65 -23.97
C ILE A 34 7.40 -11.25 -23.23
N SER A 35 7.61 -11.72 -22.00
CA SER A 35 6.61 -12.47 -21.28
C SER A 35 6.46 -11.98 -19.85
N ASN A 36 6.39 -10.67 -19.66
CA ASN A 36 6.10 -10.15 -18.34
C ASN A 36 4.72 -9.51 -18.34
N PRO A 37 3.84 -9.88 -17.42
CA PRO A 37 2.46 -9.42 -17.49
C PRO A 37 2.24 -8.00 -17.00
N ASP A 38 2.99 -7.57 -15.99
CA ASP A 38 2.81 -6.22 -15.46
C ASP A 38 3.11 -5.16 -16.52
N LEU A 39 4.22 -5.35 -17.24
CA LEU A 39 4.56 -4.45 -18.33
C LEU A 39 3.46 -4.44 -19.39
N ARG A 40 2.92 -5.60 -19.72
CA ARG A 40 1.85 -5.67 -20.71
C ARG A 40 0.60 -4.94 -20.22
N LYS A 41 0.32 -5.03 -18.92
CA LYS A 41 -0.84 -4.32 -18.38
C LYS A 41 -0.63 -2.81 -18.46
N SER A 42 0.58 -2.34 -18.15
CA SER A 42 0.85 -0.91 -18.27
C SER A 42 0.70 -0.46 -19.72
N ALA A 43 1.16 -1.29 -20.66
CA ALA A 43 1.00 -0.97 -22.07
C ALA A 43 -0.47 -0.89 -22.46
N ALA A 44 -1.26 -1.85 -21.96
CA ALA A 44 -2.69 -1.84 -22.22
C ALA A 44 -3.32 -0.55 -21.71
N ASP A 45 -2.97 -0.12 -20.51
CA ASP A 45 -3.52 1.12 -19.97
C ASP A 45 -3.10 2.31 -20.81
N ARG A 46 -1.85 2.34 -21.24
CA ARG A 46 -1.38 3.41 -22.12
C ARG A 46 -2.24 3.50 -23.37
N ASP A 47 -2.44 2.38 -24.05
CA ASP A 47 -3.23 2.38 -25.27
C ASP A 47 -4.67 2.74 -25.01
N ALA A 48 -5.21 2.28 -23.87
CA ALA A 48 -6.58 2.63 -23.51
C ALA A 48 -6.73 4.13 -23.34
N ALA A 49 -5.72 4.79 -22.79
CA ALA A 49 -5.77 6.24 -22.66
C ALA A 49 -5.68 6.91 -24.03
N PHE A 50 -4.75 6.45 -24.86
CA PHE A 50 -4.62 7.04 -26.19
C PHE A 50 -5.88 6.84 -27.03
N GLU A 51 -6.74 5.90 -26.66
CA GLU A 51 -8.04 5.76 -27.33
C GLU A 51 -9.14 6.56 -26.64
N LYS A 52 -9.08 6.66 -25.31
CA LYS A 52 -9.96 7.58 -24.62
C LYS A 52 -9.82 8.99 -25.17
N ILE A 53 -8.65 9.29 -25.74
CA ILE A 53 -8.50 10.56 -26.47
C ILE A 53 -9.61 10.72 -27.49
N ASN A 54 -9.75 9.74 -28.38
CA ASN A 54 -10.78 9.82 -29.41
C ASN A 54 -12.18 9.78 -28.79
N GLU A 55 -12.35 8.98 -27.74
CA GLU A 55 -13.65 8.96 -27.07
C GLU A 55 -14.04 10.35 -26.58
N ALA A 56 -13.05 11.16 -26.19
CA ALA A 56 -13.35 12.51 -25.73
C ALA A 56 -13.44 13.49 -26.88
N ARG A 57 -12.76 13.22 -27.99
CA ARG A 57 -12.92 14.06 -29.17
C ARG A 57 -14.29 13.91 -29.79
N SER A 58 -14.93 12.76 -29.60
CA SER A 58 -16.24 12.45 -30.18
C SER A 58 -17.22 13.61 -30.10
N PRO A 59 -17.58 14.08 -28.91
CA PRO A 59 -18.66 15.08 -28.80
C PRO A 59 -18.45 16.31 -29.66
N LEU A 60 -17.21 16.70 -29.92
CA LEU A 60 -16.96 17.84 -30.80
C LEU A 60 -17.31 17.55 -32.25
N LEU A 61 -17.60 16.31 -32.57
CA LEU A 61 -17.98 15.90 -33.91
C LEU A 61 -19.50 15.80 -34.01
N PRO A 62 -20.04 15.77 -35.23
CA PRO A 62 -21.48 15.63 -35.38
C PRO A 62 -22.01 14.44 -34.60
N GLN A 63 -23.24 14.59 -34.10
CA GLN A 63 -23.87 13.59 -33.26
C GLN A 63 -25.20 13.18 -33.86
N LEU A 64 -25.19 12.90 -35.15
CA LEU A 64 -26.40 12.47 -35.85
C LEU A 64 -27.10 11.36 -35.07
N GLY A 65 -28.42 11.36 -35.13
CA GLY A 65 -29.22 10.36 -34.47
C GLY A 65 -30.44 9.98 -35.28
N LEU A 66 -31.44 9.40 -34.61
CA LEU A 66 -32.67 9.02 -35.27
C LEU A 66 -33.69 8.66 -34.21
N GLY A 67 -34.92 9.13 -34.38
CA GLY A 67 -35.98 8.88 -33.43
C GLY A 67 -37.29 8.61 -34.14
N ALA A 68 -38.24 8.09 -33.36
CA ALA A 68 -39.56 7.75 -33.88
C ALA A 68 -40.54 7.77 -32.72
N ASP A 69 -41.81 7.57 -33.05
CA ASP A 69 -42.86 7.67 -32.06
C ASP A 69 -44.17 7.18 -32.66
N TYR A 70 -45.03 6.63 -31.79
CA TYR A 70 -46.37 6.22 -32.18
C TYR A 70 -47.25 6.37 -30.94
N THR A 71 -47.99 7.46 -30.88
CA THR A 71 -48.86 7.75 -29.75
C THR A 71 -50.33 7.54 -30.13
N TYR A 72 -51.14 7.31 -29.11
CA TYR A 72 -52.60 7.19 -29.26
C TYR A 72 -53.22 8.06 -28.17
N THR A 73 -53.43 9.34 -28.49
CA THR A 73 -54.02 10.27 -27.55
C THR A 73 -55.52 10.04 -27.43
N SER A 74 -56.04 10.29 -26.23
CA SER A 74 -57.46 10.17 -25.96
C SER A 74 -57.97 11.40 -25.22
N GLY A 75 -59.21 11.34 -24.75
CA GLY A 75 -59.80 12.44 -24.00
C GLY A 75 -60.41 11.99 -22.70
N PHE A 76 -59.88 12.48 -21.57
CA PHE A 76 -60.39 12.07 -20.27
C PHE A 76 -61.59 12.90 -19.84
N ARG A 77 -61.59 14.19 -20.17
CA ARG A 77 -62.72 15.06 -19.86
C ARG A 77 -62.56 16.36 -20.62
N ASP A 78 -63.65 16.80 -21.25
CA ASP A 78 -63.75 17.98 -22.12
C ASP A 78 -63.11 17.72 -23.48
N TYR A 79 -62.41 16.60 -23.67
CA TYR A 79 -61.87 16.20 -24.96
C TYR A 79 -62.39 14.83 -25.37
N LYS A 80 -63.49 14.39 -24.76
CA LYS A 80 -63.99 13.05 -25.01
C LYS A 80 -64.27 12.85 -26.50
N ASP A 81 -63.95 11.66 -26.99
CA ASP A 81 -64.15 11.27 -28.38
C ASP A 81 -63.29 12.10 -29.33
N GLN A 82 -62.24 12.73 -28.81
CA GLN A 82 -61.23 13.42 -29.62
C GLN A 82 -59.92 12.67 -29.43
N ASN A 83 -59.73 11.63 -30.23
CA ASN A 83 -58.57 10.78 -30.13
C ASN A 83 -57.57 11.14 -31.23
N SER A 84 -56.51 10.35 -31.35
CA SER A 84 -55.49 10.58 -32.35
C SER A 84 -54.62 9.34 -32.48
N ASN A 85 -53.88 9.28 -33.58
CA ASN A 85 -52.96 8.17 -33.83
C ASN A 85 -51.79 8.75 -34.63
N VAL A 86 -50.74 9.12 -33.93
CA VAL A 86 -49.58 9.75 -34.52
C VAL A 86 -48.54 8.69 -34.85
N THR A 87 -47.77 8.94 -35.91
CA THR A 87 -46.64 8.09 -36.29
C THR A 87 -45.54 9.05 -36.75
N SER A 88 -44.68 9.44 -35.83
CA SER A 88 -43.69 10.48 -36.08
C SER A 88 -42.30 9.87 -36.23
N GLY A 89 -41.48 10.56 -37.02
CA GLY A 89 -40.09 10.19 -37.18
C GLY A 89 -39.21 11.43 -37.09
N SER A 90 -37.90 11.19 -37.01
CA SER A 90 -36.97 12.30 -36.85
C SER A 90 -35.56 11.81 -37.14
N LEU A 91 -34.75 12.71 -37.71
CA LEU A 91 -33.37 12.47 -38.04
C LEU A 91 -32.49 13.54 -37.41
N GLN A 92 -32.72 13.79 -36.13
CA GLN A 92 -32.03 14.86 -35.41
C GLN A 92 -30.52 14.78 -35.64
N LEU A 93 -29.93 15.95 -35.91
CA LEU A 93 -28.50 16.08 -36.03
C LEU A 93 -28.03 17.20 -35.10
N THR A 94 -26.81 17.08 -34.62
CA THR A 94 -26.26 18.03 -33.67
C THR A 94 -24.80 18.29 -34.02
N GLN A 95 -24.31 19.43 -33.52
CA GLN A 95 -22.93 19.84 -33.75
C GLN A 95 -22.62 20.97 -32.79
N VAL A 96 -21.36 21.05 -32.39
CA VAL A 96 -20.91 21.99 -31.37
C VAL A 96 -19.91 22.94 -32.01
N LEU A 97 -20.23 24.23 -32.00
CA LEU A 97 -19.38 25.25 -32.59
C LEU A 97 -18.54 25.98 -31.55
N PHE A 98 -18.96 26.00 -30.29
CA PHE A 98 -18.18 26.65 -29.25
C PHE A 98 -18.55 26.00 -27.91
N ASP A 99 -17.69 25.11 -27.43
CA ASP A 99 -17.86 24.50 -26.11
C ASP A 99 -16.47 24.21 -25.58
N MET A 100 -15.97 25.12 -24.74
CA MET A 100 -14.58 25.02 -24.30
C MET A 100 -14.38 23.90 -23.28
N SER A 101 -15.44 23.48 -22.60
CA SER A 101 -15.31 22.39 -21.63
C SER A 101 -14.85 21.11 -22.32
N LYS A 102 -15.45 20.80 -23.47
CA LYS A 102 -15.07 19.59 -24.19
C LYS A 102 -13.65 19.68 -24.72
N TRP A 103 -13.28 20.84 -25.25
CA TRP A 103 -11.91 21.02 -25.71
C TRP A 103 -10.91 20.81 -24.58
N ARG A 104 -11.21 21.35 -23.40
CA ARG A 104 -10.31 21.18 -22.27
C ARG A 104 -10.29 19.74 -21.79
N ALA A 105 -11.42 19.03 -21.86
CA ALA A 105 -11.41 17.60 -21.53
C ALA A 105 -10.52 16.83 -22.49
N LEU A 106 -10.57 17.19 -23.77
CA LEU A 106 -9.70 16.54 -24.76
C LEU A 106 -8.24 16.76 -24.41
N THR A 107 -7.88 18.00 -24.10
CA THR A 107 -6.49 18.29 -23.73
C THR A 107 -6.09 17.55 -22.46
N LEU A 108 -7.00 17.49 -21.48
CA LEU A 108 -6.76 16.74 -20.27
C LEU A 108 -6.47 15.28 -20.57
N GLN A 109 -7.24 14.68 -21.48
CA GLN A 109 -7.00 13.28 -21.79
C GLN A 109 -5.68 13.08 -22.51
N GLU A 110 -5.29 14.04 -23.35
CA GLU A 110 -3.96 13.97 -23.95
C GLU A 110 -2.87 13.98 -22.87
N LYS A 111 -3.02 14.84 -21.88
CA LYS A 111 -2.03 14.92 -20.81
C LYS A 111 -2.00 13.65 -19.98
N ALA A 112 -3.18 13.08 -19.71
CA ALA A 112 -3.23 11.81 -18.99
C ALA A 112 -2.58 10.68 -19.79
N ALA A 113 -2.71 10.72 -21.12
CA ALA A 113 -2.02 9.75 -21.95
C ALA A 113 -0.51 9.91 -21.82
N GLY A 114 -0.03 11.14 -21.83
CA GLY A 114 1.39 11.36 -21.58
C GLY A 114 1.82 10.80 -20.24
N ILE A 115 1.00 11.00 -19.21
CA ILE A 115 1.31 10.48 -17.88
C ILE A 115 1.40 8.95 -17.92
N GLN A 116 0.46 8.30 -18.59
CA GLN A 116 0.48 6.85 -18.67
C GLN A 116 1.68 6.35 -19.46
N ASP A 117 2.11 7.11 -20.47
CA ASP A 117 3.34 6.74 -21.17
C ASP A 117 4.53 6.80 -20.22
N VAL A 118 4.60 7.85 -19.41
CA VAL A 118 5.68 7.94 -18.42
C VAL A 118 5.63 6.75 -17.47
N THR A 119 4.42 6.35 -17.06
CA THR A 119 4.30 5.21 -16.17
C THR A 119 4.76 3.92 -16.85
N TYR A 120 4.48 3.78 -18.14
CA TYR A 120 4.99 2.64 -18.89
C TYR A 120 6.51 2.61 -18.90
N GLN A 121 7.14 3.77 -19.11
CA GLN A 121 8.60 3.84 -19.03
C GLN A 121 9.09 3.41 -17.64
N THR A 122 8.42 3.90 -16.61
CA THR A 122 8.79 3.54 -15.25
C THR A 122 8.68 2.04 -15.03
N ASP A 123 7.66 1.41 -15.61
CA ASP A 123 7.50 -0.02 -15.46
C ASP A 123 8.58 -0.79 -16.21
N GLN A 124 8.99 -0.28 -17.38
CA GLN A 124 10.14 -0.86 -18.06
C GLN A 124 11.37 -0.86 -17.15
N GLN A 125 11.68 0.30 -16.57
CA GLN A 125 12.84 0.39 -15.68
C GLN A 125 12.70 -0.57 -14.51
N THR A 126 11.51 -0.58 -13.89
CA THR A 126 11.29 -1.46 -12.74
C THR A 126 11.48 -2.91 -13.11
N LEU A 127 11.08 -3.29 -14.32
CA LEU A 127 11.26 -4.66 -14.77
C LEU A 127 12.73 -4.99 -14.90
N ILE A 128 13.50 -4.12 -15.57
CA ILE A 128 14.94 -4.36 -15.70
C ILE A 128 15.55 -4.54 -14.31
N LEU A 129 15.20 -3.64 -13.40
CA LEU A 129 15.82 -3.65 -12.08
C LEU A 129 15.45 -4.89 -11.29
N ASN A 130 14.18 -5.28 -11.32
CA ASN A 130 13.75 -6.46 -10.58
C ASN A 130 14.35 -7.72 -11.16
N THR A 131 14.46 -7.81 -12.48
CA THR A 131 15.10 -8.96 -13.10
C THR A 131 16.55 -9.08 -12.66
N ALA A 132 17.30 -7.97 -12.72
CA ALA A 132 18.68 -8.00 -12.28
C ALA A 132 18.79 -8.36 -10.80
N THR A 133 17.94 -7.76 -9.97
CA THR A 133 17.95 -8.05 -8.55
C THR A 133 17.75 -9.54 -8.30
N ALA A 134 16.80 -10.16 -8.98
CA ALA A 134 16.53 -11.57 -8.77
C ALA A 134 17.69 -12.42 -9.26
N TYR A 135 18.22 -12.10 -10.43
CA TYR A 135 19.39 -12.81 -10.95
C TYR A 135 20.52 -12.81 -9.93
N PHE A 136 20.85 -11.63 -9.40
CA PHE A 136 21.99 -11.53 -8.50
C PHE A 136 21.68 -12.10 -7.13
N LYS A 137 20.41 -12.06 -6.70
CA LYS A 137 20.02 -12.77 -5.50
C LYS A 137 20.26 -14.26 -5.64
N VAL A 138 19.87 -14.83 -6.77
CA VAL A 138 20.12 -16.25 -7.03
C VAL A 138 21.62 -16.54 -6.98
N LEU A 139 22.41 -15.69 -7.63
CA LEU A 139 23.85 -15.94 -7.67
C LEU A 139 24.47 -15.85 -6.27
N ALA A 140 24.05 -14.86 -5.49
CA ALA A 140 24.55 -14.72 -4.14
C ALA A 140 24.15 -15.92 -3.29
N ALA A 141 22.94 -16.43 -3.50
CA ALA A 141 22.52 -17.63 -2.80
C ALA A 141 23.40 -18.82 -3.16
N ILE A 142 23.72 -18.96 -4.44
CA ILE A 142 24.60 -20.05 -4.85
C ILE A 142 25.95 -19.93 -4.17
N ASP A 143 26.51 -18.72 -4.19
CA ASP A 143 27.83 -18.52 -3.58
C ASP A 143 27.79 -18.79 -2.08
N THR A 144 26.74 -18.33 -1.41
CA THR A 144 26.61 -18.56 0.02
C THR A 144 26.50 -20.04 0.33
N LEU A 145 25.68 -20.76 -0.44
CA LEU A 145 25.57 -22.20 -0.24
C LEU A 145 26.90 -22.89 -0.44
N SER A 146 27.65 -22.49 -1.47
CA SER A 146 28.94 -23.13 -1.72
C SER A 146 29.91 -22.86 -0.58
N TYR A 147 29.94 -21.63 -0.08
CA TYR A 147 30.84 -21.31 1.02
C TYR A 147 30.43 -22.03 2.30
N THR A 148 29.13 -22.20 2.51
CA THR A 148 28.67 -22.94 3.68
C THR A 148 29.05 -24.41 3.58
N GLU A 149 28.91 -25.00 2.39
CA GLU A 149 29.32 -26.38 2.21
C GLU A 149 30.83 -26.53 2.42
N ALA A 150 31.61 -25.55 1.96
CA ALA A 150 33.05 -25.59 2.20
C ALA A 150 33.37 -25.50 3.69
N GLN A 151 32.65 -24.63 4.39
CA GLN A 151 32.80 -24.52 5.84
C GLN A 151 32.50 -25.86 6.51
N LYS A 152 31.42 -26.50 6.11
CA LYS A 152 31.06 -27.80 6.65
C LYS A 152 32.17 -28.82 6.38
N GLN A 153 32.73 -28.81 5.17
CA GLN A 153 33.77 -29.76 4.83
C GLN A 153 35.02 -29.54 5.67
N ALA A 154 35.40 -28.28 5.88
CA ALA A 154 36.56 -27.99 6.72
C ALA A 154 36.33 -28.43 8.15
N ILE A 155 35.13 -28.14 8.67
CA ILE A 155 34.80 -28.55 10.03
C ILE A 155 34.88 -30.06 10.15
N TYR A 156 34.39 -30.78 9.13
CA TYR A 156 34.42 -32.23 9.18
C TYR A 156 35.84 -32.76 9.09
N ARG A 157 36.69 -32.09 8.32
CA ARG A 157 38.09 -32.49 8.26
C ARG A 157 38.74 -32.39 9.63
N GLN A 158 38.53 -31.25 10.30
CA GLN A 158 39.09 -31.08 11.63
C GLN A 158 38.51 -32.08 12.61
N LEU A 159 37.21 -32.35 12.49
CA LEU A 159 36.56 -33.30 13.38
C LEU A 159 37.10 -34.70 13.18
N ASP A 160 37.35 -35.10 11.94
CA ASP A 160 37.90 -36.43 11.67
C ASP A 160 39.33 -36.53 12.16
N GLN A 161 40.13 -35.48 11.96
CA GLN A 161 41.49 -35.48 12.50
C GLN A 161 41.46 -35.67 14.01
N THR A 162 40.59 -34.92 14.71
CA THR A 162 40.50 -35.05 16.15
C THR A 162 39.99 -36.44 16.55
N THR A 163 39.05 -36.99 15.79
CA THR A 163 38.52 -38.31 16.11
C THR A 163 39.60 -39.36 16.01
N GLN A 164 40.43 -39.30 14.97
CA GLN A 164 41.50 -40.26 14.83
C GLN A 164 42.56 -40.07 15.92
N ARG A 165 42.95 -38.82 16.18
CA ARG A 165 43.93 -38.56 17.21
C ARG A 165 43.40 -38.92 18.60
N PHE A 166 42.09 -39.04 18.75
CA PHE A 166 41.53 -39.52 20.01
C PHE A 166 41.49 -41.03 20.05
N ASN A 167 41.14 -41.66 18.93
CA ASN A 167 41.18 -43.12 18.86
C ASN A 167 42.58 -43.64 19.15
N VAL A 168 43.61 -42.89 18.76
CA VAL A 168 44.97 -43.32 19.08
C VAL A 168 45.32 -42.94 20.52
N GLY A 169 44.80 -41.83 21.03
CA GLY A 169 45.00 -41.46 22.42
C GLY A 169 45.71 -40.14 22.63
N LEU A 170 45.60 -39.22 21.66
CA LEU A 170 46.22 -37.91 21.76
C LEU A 170 45.24 -36.83 22.19
N VAL A 171 44.15 -36.65 21.45
CA VAL A 171 43.17 -35.63 21.75
C VAL A 171 42.08 -36.22 22.63
N ALA A 172 41.41 -35.35 23.37
CA ALA A 172 40.35 -35.76 24.29
C ALA A 172 38.98 -35.63 23.64
N ILE A 173 38.01 -36.29 24.26
CA ILE A 173 36.62 -36.27 23.80
C ILE A 173 36.10 -34.85 23.74
N THR A 174 36.69 -33.94 24.53
CA THR A 174 36.22 -32.56 24.57
C THR A 174 36.26 -31.93 23.19
N ASP A 175 37.41 -32.00 22.52
CA ASP A 175 37.54 -31.41 21.19
C ASP A 175 36.58 -32.08 20.21
N VAL A 176 36.43 -33.40 20.31
CA VAL A 176 35.51 -34.11 19.43
C VAL A 176 34.10 -33.54 19.57
N GLN A 177 33.67 -33.34 20.81
CA GLN A 177 32.31 -32.87 21.03
C GLN A 177 32.13 -31.42 20.57
N ASN A 178 33.13 -30.58 20.82
CA ASN A 178 33.07 -29.21 20.31
C ASN A 178 32.91 -29.19 18.80
N ALA A 179 33.75 -29.97 18.11
CA ALA A 179 33.68 -30.02 16.65
C ALA A 179 32.33 -30.55 16.19
N ARG A 180 31.79 -31.54 16.91
CA ARG A 180 30.49 -32.08 16.55
C ARG A 180 29.41 -31.02 16.64
N SER A 181 29.44 -30.22 17.71
CA SER A 181 28.47 -29.15 17.86
C SER A 181 28.57 -28.15 16.71
N GLN A 182 29.79 -27.71 16.41
CA GLN A 182 29.96 -26.76 15.32
C GLN A 182 29.47 -27.35 14.00
N TYR A 183 29.76 -28.63 13.76
CA TYR A 183 29.32 -29.29 12.54
C TYR A 183 27.81 -29.29 12.43
N ASP A 184 27.12 -29.57 13.53
CA ASP A 184 25.66 -29.59 13.50
C ASP A 184 25.10 -28.20 13.19
N ALA A 185 25.66 -27.17 13.83
CA ALA A 185 25.21 -25.81 13.53
C ALA A 185 25.40 -25.49 12.05
N VAL A 186 26.55 -25.88 11.49
CA VAL A 186 26.80 -25.62 10.08
C VAL A 186 25.80 -26.36 9.22
N LEU A 187 25.43 -27.58 9.63
CA LEU A 187 24.42 -28.33 8.88
C LEU A 187 23.10 -27.56 8.82
N ALA A 188 22.68 -27.03 9.96
CA ALA A 188 21.44 -26.25 9.98
C ALA A 188 21.54 -25.04 9.05
N ASN A 189 22.65 -24.32 9.13
CA ASN A 189 22.82 -23.14 8.28
C ASN A 189 22.80 -23.54 6.81
N GLU A 190 23.37 -24.70 6.48
CA GLU A 190 23.37 -25.17 5.11
C GLU A 190 21.96 -25.45 4.62
N VAL A 191 21.15 -26.07 5.47
CA VAL A 191 19.75 -26.29 5.13
C VAL A 191 19.07 -24.98 4.80
N THR A 192 19.25 -23.98 5.67
CA THR A 192 18.64 -22.67 5.43
C THR A 192 19.09 -22.10 4.10
N ALA A 193 20.38 -22.20 3.80
CA ALA A 193 20.91 -21.66 2.55
C ALA A 193 20.30 -22.34 1.34
N ARG A 194 20.16 -23.66 1.41
CA ARG A 194 19.57 -24.39 0.30
C ARG A 194 18.12 -23.96 0.05
N ASN A 195 17.34 -23.84 1.12
CA ASN A 195 15.98 -23.35 0.97
C ASN A 195 15.95 -21.96 0.35
N ASP A 196 16.83 -21.06 0.81
CA ASP A 196 16.87 -19.72 0.27
C ASP A 196 17.19 -19.74 -1.22
N LEU A 197 18.14 -20.57 -1.63
CA LEU A 197 18.50 -20.68 -3.04
C LEU A 197 17.31 -21.13 -3.86
N ASP A 198 16.60 -22.16 -3.41
CA ASP A 198 15.47 -22.66 -4.17
C ASP A 198 14.38 -21.61 -4.29
N ASN A 199 14.07 -20.92 -3.20
CA ASN A 199 13.04 -19.89 -3.25
C ASN A 199 13.47 -18.73 -4.15
N ALA A 200 14.77 -18.43 -4.20
CA ALA A 200 15.25 -17.38 -5.09
C ALA A 200 15.08 -17.78 -6.55
N VAL A 201 15.37 -19.04 -6.86
CA VAL A 201 15.12 -19.52 -8.23
C VAL A 201 13.63 -19.41 -8.56
N GLU A 202 12.78 -19.69 -7.58
CA GLU A 202 11.34 -19.60 -7.84
C GLU A 202 10.92 -18.16 -8.10
N GLU A 203 11.50 -17.21 -7.37
CA GLU A 203 11.20 -15.80 -7.64
C GLU A 203 11.71 -15.39 -9.02
N LEU A 204 12.91 -15.83 -9.39
CA LEU A 204 13.40 -15.58 -10.74
C LEU A 204 12.43 -16.10 -11.78
N ARG A 205 11.86 -17.28 -11.55
CA ARG A 205 10.86 -17.83 -12.46
C ARG A 205 9.64 -16.92 -12.51
N GLN A 206 9.12 -16.55 -11.33
CA GLN A 206 7.98 -15.65 -11.28
C GLN A 206 8.21 -14.39 -12.08
N VAL A 207 9.45 -13.92 -12.13
CA VAL A 207 9.75 -12.72 -12.90
C VAL A 207 9.79 -13.03 -14.40
N THR A 208 10.61 -14.00 -14.79
CA THR A 208 10.81 -14.28 -16.20
C THR A 208 9.69 -15.17 -16.75
N GLY A 209 9.58 -16.38 -16.23
CA GLY A 209 8.57 -17.32 -16.68
C GLY A 209 9.08 -18.74 -16.76
N ASN A 210 10.39 -18.89 -16.98
CA ASN A 210 11.01 -20.20 -17.11
C ASN A 210 11.95 -20.47 -15.94
N TYR A 211 12.22 -21.75 -15.72
CA TYR A 211 13.16 -22.18 -14.70
C TYR A 211 14.55 -22.28 -15.32
N TYR A 212 15.53 -21.69 -14.67
CA TYR A 212 16.89 -21.64 -15.20
C TYR A 212 17.79 -22.56 -14.40
N PRO A 213 18.20 -23.72 -14.93
CA PRO A 213 19.09 -24.61 -14.17
C PRO A 213 20.54 -24.19 -14.23
N GLU A 214 20.94 -23.42 -15.23
CA GLU A 214 22.31 -22.93 -15.36
C GLU A 214 22.27 -21.43 -15.63
N LEU A 215 22.88 -20.66 -14.75
CA LEU A 215 22.98 -19.22 -14.90
C LEU A 215 24.43 -18.85 -15.20
N ALA A 216 24.66 -17.58 -15.50
CA ALA A 216 26.00 -17.09 -15.80
C ALA A 216 26.59 -16.49 -14.52
N SER A 217 27.74 -17.01 -14.12
CA SER A 217 28.34 -16.65 -12.85
C SER A 217 29.07 -15.31 -12.97
N LEU A 218 29.86 -14.98 -11.97
CA LEU A 218 30.63 -13.75 -11.93
C LEU A 218 32.10 -14.04 -12.22
N ASN A 219 32.76 -13.08 -12.85
CA ASN A 219 34.18 -13.20 -13.19
C ASN A 219 34.96 -12.33 -12.22
N VAL A 220 35.27 -12.91 -11.05
CA VAL A 220 35.99 -12.17 -10.03
C VAL A 220 37.43 -11.96 -10.44
N ASP A 221 37.98 -12.86 -11.26
CA ASP A 221 39.37 -12.70 -11.70
C ASP A 221 39.57 -11.41 -12.47
N GLY A 222 38.51 -10.78 -12.95
CA GLY A 222 38.60 -9.52 -13.65
C GLY A 222 37.59 -8.52 -13.15
N PHE A 223 36.91 -8.84 -12.06
CA PHE A 223 35.94 -7.92 -11.49
C PHE A 223 36.65 -6.67 -10.97
N LYS A 224 36.08 -5.51 -11.27
CA LYS A 224 36.64 -4.25 -10.84
C LYS A 224 35.52 -3.25 -10.63
N THR A 225 35.79 -2.26 -9.78
CA THR A 225 34.81 -1.25 -9.41
C THR A 225 35.26 0.11 -9.94
N SER A 226 34.33 0.84 -10.53
CA SER A 226 34.60 2.16 -11.09
C SER A 226 33.88 3.22 -10.26
N LYS A 227 34.63 4.22 -9.81
CA LYS A 227 34.03 5.29 -9.03
C LYS A 227 32.95 5.97 -9.85
N PRO A 228 31.74 6.14 -9.30
CA PRO A 228 30.68 6.81 -10.06
C PRO A 228 31.04 8.26 -10.35
N GLN A 229 30.19 8.89 -11.16
CA GLN A 229 30.44 10.26 -11.57
C GLN A 229 29.99 11.22 -10.48
N ALA A 230 30.35 12.49 -10.67
CA ALA A 230 30.09 13.51 -9.66
C ALA A 230 28.62 13.52 -9.29
N VAL A 231 28.34 13.75 -8.01
CA VAL A 231 26.97 13.69 -7.52
C VAL A 231 26.15 14.85 -8.05
N ASN A 232 26.77 16.02 -8.25
CA ASN A 232 26.03 17.16 -8.78
C ASN A 232 25.57 16.90 -10.21
N ALA A 233 26.43 16.30 -11.02
CA ALA A 233 26.03 15.93 -12.37
C ALA A 233 24.91 14.90 -12.34
N LEU A 234 25.00 13.94 -11.41
CA LEU A 234 23.91 12.98 -11.25
C LEU A 234 22.61 13.69 -10.93
N LEU A 235 22.66 14.71 -10.07
CA LEU A 235 21.44 15.40 -9.67
C LEU A 235 20.86 16.19 -10.82
N LYS A 236 21.72 16.85 -11.61
CA LYS A 236 21.23 17.55 -12.79
C LYS A 236 20.55 16.58 -13.75
N GLU A 237 21.26 15.50 -14.11
CA GLU A 237 20.69 14.51 -15.02
C GLU A 237 19.40 13.91 -14.46
N ALA A 238 19.28 13.82 -13.13
CA ALA A 238 18.08 13.27 -12.53
C ALA A 238 16.92 14.23 -12.64
N GLU A 239 17.09 15.45 -12.15
CA GLU A 239 16.03 16.44 -12.26
C GLU A 239 15.67 16.74 -13.70
N ASN A 240 16.52 16.34 -14.66
CA ASN A 240 16.18 16.50 -16.06
C ASN A 240 15.48 15.28 -16.64
N ARG A 241 15.84 14.07 -16.21
CA ARG A 241 15.41 12.85 -16.89
C ARG A 241 14.74 11.83 -15.98
N ASN A 242 14.54 12.14 -14.71
CA ASN A 242 13.87 11.20 -13.84
C ASN A 242 12.40 11.07 -14.23
N LEU A 243 11.77 9.99 -13.78
CA LEU A 243 10.43 9.66 -14.22
C LEU A 243 9.36 10.08 -13.22
N SER A 244 9.59 9.90 -11.92
CA SER A 244 8.62 10.36 -10.94
C SER A 244 8.50 11.88 -10.96
N LEU A 245 9.64 12.56 -11.08
CA LEU A 245 9.64 14.01 -11.19
C LEU A 245 8.90 14.47 -12.45
N LEU A 246 9.15 13.80 -13.57
CA LEU A 246 8.46 14.14 -14.81
C LEU A 246 6.96 13.94 -14.66
N GLN A 247 6.55 12.83 -14.04
CA GLN A 247 5.14 12.58 -13.80
C GLN A 247 4.54 13.68 -12.93
N ALA A 248 5.30 14.14 -11.93
CA ALA A 248 4.79 15.17 -11.04
C ALA A 248 4.57 16.47 -11.78
N ARG A 249 5.53 16.89 -12.61
CA ARG A 249 5.34 18.13 -13.34
C ARG A 249 4.25 17.99 -14.40
N LEU A 250 4.09 16.81 -14.99
CA LEU A 250 2.97 16.59 -15.89
C LEU A 250 1.64 16.73 -15.15
N ASN A 251 1.56 16.21 -13.93
CA ASN A 251 0.35 16.38 -13.13
C ASN A 251 0.12 17.84 -12.77
N GLN A 252 1.19 18.60 -12.55
CA GLN A 252 1.04 20.03 -12.33
C GLN A 252 0.41 20.72 -13.53
N ASP A 253 0.91 20.41 -14.73
CA ASP A 253 0.32 20.97 -15.94
C ASP A 253 -1.13 20.53 -16.09
N LEU A 254 -1.42 19.27 -15.74
CA LEU A 254 -2.79 18.79 -15.78
C LEU A 254 -3.69 19.60 -14.86
N ALA A 255 -3.19 19.95 -13.67
CA ALA A 255 -3.97 20.76 -12.75
C ALA A 255 -4.20 22.16 -13.31
N ARG A 256 -3.20 22.74 -13.96
CA ARG A 256 -3.40 24.02 -14.63
C ARG A 256 -4.53 23.92 -15.64
N GLU A 257 -4.49 22.89 -16.48
CA GLU A 257 -5.54 22.71 -17.48
C GLU A 257 -6.90 22.49 -16.82
N GLN A 258 -6.92 21.86 -15.65
CA GLN A 258 -8.18 21.71 -14.92
C GLN A 258 -8.70 23.05 -14.44
N ILE A 259 -7.80 23.92 -13.97
CA ILE A 259 -8.21 25.28 -13.62
C ILE A 259 -8.88 25.95 -14.79
N ARG A 260 -8.26 25.84 -15.97
CA ARG A 260 -8.84 26.48 -17.15
C ARG A 260 -10.19 25.85 -17.51
N GLN A 261 -10.28 24.52 -17.39
CA GLN A 261 -11.55 23.84 -17.64
C GLN A 261 -12.65 24.39 -16.75
N ALA A 262 -12.35 24.58 -15.47
CA ALA A 262 -13.35 25.13 -14.56
C ALA A 262 -13.69 26.57 -14.91
N GLN A 263 -12.68 27.39 -15.17
CA GLN A 263 -12.94 28.76 -15.61
C GLN A 263 -13.87 28.80 -16.80
N ASP A 264 -13.79 27.80 -17.67
CA ASP A 264 -14.61 27.79 -18.88
C ASP A 264 -16.09 27.62 -18.58
N GLY A 265 -16.48 27.36 -17.33
CA GLY A 265 -17.88 27.26 -17.00
C GLY A 265 -18.65 28.57 -17.16
N HIS A 266 -17.94 29.70 -17.11
CA HIS A 266 -18.58 31.00 -17.29
C HIS A 266 -18.97 31.26 -18.73
N LEU A 267 -18.56 30.42 -19.66
CA LEU A 267 -18.65 30.74 -21.07
C LEU A 267 -19.89 30.12 -21.70
N PRO A 268 -20.32 30.66 -22.84
CA PRO A 268 -21.52 30.13 -23.50
C PRO A 268 -21.29 28.79 -24.17
N THR A 269 -22.31 28.30 -24.87
CA THR A 269 -22.25 27.00 -25.52
C THR A 269 -23.22 27.01 -26.70
N LEU A 270 -22.69 27.17 -27.90
CA LEU A 270 -23.51 27.06 -29.10
C LEU A 270 -23.73 25.60 -29.46
N ASP A 271 -24.78 25.36 -30.24
CA ASP A 271 -25.12 24.00 -30.66
C ASP A 271 -25.95 24.13 -31.93
N LEU A 272 -25.36 23.76 -33.07
CA LEU A 272 -26.06 23.81 -34.35
C LEU A 272 -26.97 22.60 -34.44
N ASN A 273 -28.25 22.78 -34.14
CA ASN A 273 -29.22 21.72 -34.26
C ASN A 273 -29.65 21.56 -35.72
N ALA A 274 -30.43 20.51 -35.97
CA ALA A 274 -30.94 20.22 -37.30
C ALA A 274 -31.84 19.01 -37.19
N SER A 275 -32.71 18.85 -38.18
CA SER A 275 -33.69 17.77 -38.16
C SER A 275 -34.29 17.60 -39.54
N SER A 276 -35.02 16.51 -39.71
CA SER A 276 -35.83 16.23 -40.90
C SER A 276 -37.18 15.68 -40.49
N GLY A 277 -37.78 16.29 -39.47
CA GLY A 277 -39.00 15.78 -38.88
C GLY A 277 -40.10 15.44 -39.86
N VAL A 278 -40.82 14.37 -39.55
CA VAL A 278 -41.98 13.95 -40.35
C VAL A 278 -42.99 13.31 -39.41
N SER A 279 -44.27 13.50 -39.72
CA SER A 279 -45.34 12.99 -38.87
C SER A 279 -46.53 12.63 -39.73
N ASN A 280 -47.36 11.73 -39.20
CA ASN A 280 -48.57 11.28 -39.89
C ASN A 280 -49.69 11.26 -38.84
N ASN A 281 -50.39 12.39 -38.70
CA ASN A 281 -51.51 12.48 -37.80
C ASN A 281 -52.76 11.89 -38.43
N ARG A 282 -53.50 11.11 -37.65
CA ARG A 282 -54.71 10.42 -38.10
C ARG A 282 -55.82 10.60 -37.09
N TYR A 283 -56.05 11.85 -36.69
CA TYR A 283 -57.08 12.18 -35.70
C TYR A 283 -58.35 11.39 -35.95
N SER A 284 -58.84 10.73 -34.90
CA SER A 284 -60.03 9.90 -34.95
C SER A 284 -60.97 10.28 -33.82
N GLY A 285 -62.16 9.70 -33.87
CA GLY A 285 -63.19 9.98 -32.88
C GLY A 285 -64.40 10.67 -33.50
N SER A 286 -65.51 10.62 -32.77
CA SER A 286 -66.74 11.23 -33.26
C SER A 286 -66.65 12.75 -33.21
N LYS A 287 -66.37 13.31 -32.04
CA LYS A 287 -66.20 14.75 -31.91
C LYS A 287 -64.92 15.25 -32.59
N SER A 288 -64.09 14.35 -33.11
CA SER A 288 -62.85 14.75 -33.78
C SER A 288 -63.16 15.66 -34.94
N ILE A 289 -62.76 16.93 -34.83
CA ILE A 289 -63.02 17.91 -35.88
C ILE A 289 -61.77 18.25 -36.67
N SER A 290 -60.58 18.18 -36.06
CA SER A 290 -59.36 18.51 -36.77
C SER A 290 -59.20 17.61 -38.00
N GLN A 291 -58.36 18.05 -38.92
CA GLN A 291 -58.17 17.39 -40.20
C GLN A 291 -56.93 16.49 -40.13
N ASP A 292 -57.08 15.26 -40.61
CA ASP A 292 -55.94 14.35 -40.69
C ASP A 292 -54.87 14.96 -41.58
N ALA A 293 -53.64 15.00 -41.06
CA ALA A 293 -52.52 15.62 -41.76
C ALA A 293 -51.31 14.70 -41.72
N ASP A 294 -50.67 14.53 -42.87
CA ASP A 294 -49.41 13.79 -43.00
C ASP A 294 -48.37 14.80 -43.47
N ILE A 295 -47.56 15.30 -42.55
CA ILE A 295 -46.73 16.47 -42.78
C ILE A 295 -45.27 16.09 -42.65
N GLY A 296 -44.41 16.98 -43.15
CA GLY A 296 -42.98 16.84 -43.04
C GLY A 296 -42.32 18.18 -42.77
N GLN A 297 -41.53 18.26 -41.71
CA GLN A 297 -40.95 19.51 -41.25
C GLN A 297 -39.45 19.36 -41.15
N ASN A 298 -38.71 20.13 -41.95
CA ASN A 298 -37.26 20.14 -41.94
C ASN A 298 -36.79 21.50 -41.43
N LYS A 299 -35.97 21.50 -40.39
CA LYS A 299 -35.52 22.73 -39.77
C LYS A 299 -34.04 22.61 -39.40
N ILE A 300 -33.39 23.76 -39.32
CA ILE A 300 -31.99 23.84 -38.94
C ILE A 300 -31.78 25.15 -38.20
N GLY A 301 -31.29 25.05 -36.95
CA GLY A 301 -31.14 26.24 -36.13
C GLY A 301 -30.07 26.06 -35.09
N LEU A 302 -29.81 27.15 -34.37
CA LEU A 302 -28.78 27.19 -33.34
C LEU A 302 -29.40 27.14 -31.96
N SER A 303 -28.55 27.12 -30.94
CA SER A 303 -29.02 27.11 -29.56
C SER A 303 -27.92 27.71 -28.69
N PHE A 304 -28.07 28.97 -28.33
CA PHE A 304 -27.13 29.64 -27.45
C PHE A 304 -27.38 29.23 -26.00
N SER A 305 -26.49 29.67 -25.12
CA SER A 305 -26.61 29.40 -23.70
C SER A 305 -25.60 30.26 -22.95
N LEU A 306 -25.98 30.72 -21.77
CA LEU A 306 -25.13 31.61 -21.00
C LEU A 306 -25.51 31.57 -19.53
N PRO A 307 -24.86 30.75 -18.73
CA PRO A 307 -25.22 30.67 -17.30
C PRO A 307 -24.76 31.88 -16.51
N LEU A 308 -25.58 32.93 -16.51
CA LEU A 308 -25.22 34.15 -15.78
C LEU A 308 -24.86 33.83 -14.34
N TYR A 309 -25.71 33.11 -13.63
CA TYR A 309 -25.49 32.80 -12.23
C TYR A 309 -25.92 31.37 -11.96
N GLN A 310 -25.19 30.71 -11.05
CA GLN A 310 -25.49 29.34 -10.68
C GLN A 310 -25.39 29.09 -9.18
N GLY A 311 -25.16 30.12 -8.37
CA GLY A 311 -25.00 29.96 -6.95
C GLY A 311 -23.58 29.83 -6.46
N GLY A 312 -22.61 29.82 -7.36
CA GLY A 312 -21.22 29.71 -7.01
C GLY A 312 -20.55 28.42 -7.43
N MET A 313 -21.09 27.72 -8.43
CA MET A 313 -20.48 26.46 -8.84
C MET A 313 -19.15 26.70 -9.52
N VAL A 314 -19.09 27.67 -10.43
CA VAL A 314 -17.85 27.92 -11.16
C VAL A 314 -16.82 28.57 -10.25
N ASN A 315 -17.21 29.60 -9.52
CA ASN A 315 -16.30 30.30 -8.62
C ASN A 315 -15.82 29.42 -7.48
N SER A 316 -16.40 28.23 -7.32
CA SER A 316 -15.95 27.25 -6.35
C SER A 316 -15.10 26.16 -6.97
N GLN A 317 -15.50 25.65 -8.14
CA GLN A 317 -14.66 24.72 -8.87
C GLN A 317 -13.30 25.33 -9.16
N VAL A 318 -13.27 26.64 -9.41
CA VAL A 318 -12.00 27.30 -9.71
C VAL A 318 -11.08 27.26 -8.50
N LYS A 319 -11.62 27.58 -7.32
CA LYS A 319 -10.81 27.54 -6.11
C LYS A 319 -10.36 26.11 -5.80
N GLN A 320 -11.26 25.14 -6.02
CA GLN A 320 -10.87 23.75 -5.85
C GLN A 320 -9.71 23.40 -6.76
N ALA A 321 -9.77 23.83 -8.01
CA ALA A 321 -8.70 23.49 -8.96
C ALA A 321 -7.41 24.19 -8.58
N GLN A 322 -7.49 25.41 -8.07
CA GLN A 322 -6.28 26.10 -7.63
C GLN A 322 -5.64 25.41 -6.44
N TYR A 323 -6.46 24.93 -5.50
CA TYR A 323 -5.91 24.20 -4.37
C TYR A 323 -5.33 22.87 -4.80
N ASN A 324 -5.95 22.21 -5.78
CA ASN A 324 -5.38 20.97 -6.30
C ASN A 324 -4.08 21.24 -7.06
N PHE A 325 -3.98 22.40 -7.70
CA PHE A 325 -2.72 22.79 -8.35
C PHE A 325 -1.64 23.00 -7.31
N VAL A 326 -1.98 23.63 -6.19
CA VAL A 326 -1.05 23.74 -5.08
C VAL A 326 -0.62 22.36 -4.60
N GLY A 327 -1.59 21.45 -4.48
CA GLY A 327 -1.26 20.10 -4.05
C GLY A 327 -0.30 19.41 -5.02
N ALA A 328 -0.49 19.62 -6.31
CA ALA A 328 0.39 19.02 -7.30
C ALA A 328 1.78 19.64 -7.24
N SER A 329 1.86 20.95 -7.01
CA SER A 329 3.15 21.60 -6.84
C SER A 329 3.90 21.02 -5.64
N GLU A 330 3.18 20.79 -4.54
CA GLU A 330 3.83 20.21 -3.36
C GLU A 330 4.23 18.76 -3.61
N GLN A 331 3.40 18.00 -4.34
CA GLN A 331 3.82 16.67 -4.74
C GLN A 331 5.09 16.72 -5.57
N LEU A 332 5.21 17.73 -6.43
CA LEU A 332 6.41 17.88 -7.24
C LEU A 332 7.63 18.14 -6.36
N GLU A 333 7.49 19.03 -5.38
CA GLU A 333 8.61 19.27 -4.47
C GLU A 333 8.97 18.02 -3.69
N SER A 334 7.97 17.29 -3.23
CA SER A 334 8.23 16.04 -2.51
C SER A 334 8.96 15.05 -3.40
N ALA A 335 8.59 14.99 -4.67
CA ALA A 335 9.27 14.09 -5.60
C ALA A 335 10.70 14.52 -5.83
N HIS A 336 10.95 15.83 -5.91
CA HIS A 336 12.32 16.31 -6.03
C HIS A 336 13.15 15.90 -4.82
N ARG A 337 12.57 16.04 -3.63
CA ARG A 337 13.29 15.65 -2.41
C ARG A 337 13.57 14.15 -2.39
N SER A 338 12.57 13.34 -2.73
CA SER A 338 12.77 11.91 -2.77
C SER A 338 13.83 11.53 -3.79
N VAL A 339 13.88 12.23 -4.92
CA VAL A 339 14.88 11.95 -5.93
C VAL A 339 16.27 12.27 -5.41
N VAL A 340 16.41 13.42 -4.77
CA VAL A 340 17.71 13.78 -4.19
C VAL A 340 18.13 12.72 -3.18
N GLN A 341 17.22 12.31 -2.31
CA GLN A 341 17.54 11.28 -1.33
C GLN A 341 18.00 10.00 -2.02
N THR A 342 17.26 9.57 -3.04
CA THR A 342 17.59 8.33 -3.73
C THR A 342 18.98 8.41 -4.36
N VAL A 343 19.26 9.51 -5.06
CA VAL A 343 20.55 9.67 -5.73
C VAL A 343 21.68 9.69 -4.72
N ARG A 344 21.55 10.51 -3.67
CA ARG A 344 22.61 10.61 -2.68
C ARG A 344 22.84 9.27 -2.00
N SER A 345 21.76 8.58 -1.63
CA SER A 345 21.89 7.29 -0.97
C SER A 345 22.58 6.28 -1.88
N SER A 346 22.21 6.26 -3.16
CA SER A 346 22.81 5.32 -4.08
C SER A 346 24.30 5.61 -4.27
N PHE A 347 24.65 6.87 -4.46
CA PHE A 347 26.06 7.23 -4.55
C PHE A 347 26.82 6.79 -3.31
N ASN A 348 26.28 7.12 -2.13
CA ASN A 348 26.97 6.82 -0.89
C ASN A 348 27.15 5.31 -0.70
N ASN A 349 26.10 4.54 -0.94
CA ASN A 349 26.20 3.11 -0.72
C ASN A 349 26.99 2.41 -1.82
N VAL A 350 27.12 3.02 -3.00
CA VAL A 350 28.06 2.50 -3.99
C VAL A 350 29.49 2.65 -3.48
N ASN A 351 29.86 3.86 -3.06
CA ASN A 351 31.20 4.05 -2.51
C ASN A 351 31.42 3.14 -1.30
N ALA A 352 30.37 2.93 -0.52
CA ALA A 352 30.47 2.06 0.64
C ALA A 352 30.69 0.61 0.22
N SER A 353 30.03 0.17 -0.85
CA SER A 353 30.26 -1.18 -1.34
C SER A 353 31.68 -1.36 -1.81
N ILE A 354 32.24 -0.34 -2.45
CA ILE A 354 33.64 -0.41 -2.88
C ILE A 354 34.54 -0.56 -1.66
N SER A 355 34.40 0.35 -0.70
CA SER A 355 35.26 0.31 0.49
C SER A 355 35.10 -1.00 1.24
N SER A 356 33.88 -1.53 1.29
CA SER A 356 33.64 -2.78 2.00
C SER A 356 34.21 -3.96 1.24
N ILE A 357 34.19 -3.93 -0.09
CA ILE A 357 34.87 -4.95 -0.88
C ILE A 357 36.34 -5.00 -0.49
N ASN A 358 36.99 -3.83 -0.50
CA ASN A 358 38.41 -3.80 -0.15
C ASN A 358 38.64 -4.31 1.27
N ALA A 359 37.82 -3.84 2.21
CA ALA A 359 37.96 -4.22 3.61
C ALA A 359 37.80 -5.72 3.79
N TYR A 360 36.77 -6.30 3.16
CA TYR A 360 36.53 -7.72 3.31
C TYR A 360 37.57 -8.55 2.58
N LYS A 361 38.18 -8.03 1.53
CA LYS A 361 39.32 -8.71 0.93
C LYS A 361 40.46 -8.81 1.94
N GLN A 362 40.83 -7.67 2.53
CA GLN A 362 41.86 -7.70 3.56
C GLN A 362 41.47 -8.64 4.70
N ALA A 363 40.19 -8.65 5.04
CA ALA A 363 39.71 -9.48 6.14
C ALA A 363 39.85 -10.95 5.81
N VAL A 364 39.51 -11.34 4.58
CA VAL A 364 39.65 -12.74 4.18
C VAL A 364 41.10 -13.16 4.24
N VAL A 365 42.00 -12.31 3.72
CA VAL A 365 43.42 -12.65 3.77
C VAL A 365 43.88 -12.84 5.21
N SER A 366 43.58 -11.86 6.06
CA SER A 366 44.03 -11.93 7.45
C SER A 366 43.41 -13.10 8.18
N ALA A 367 42.16 -13.46 7.85
CA ALA A 367 41.50 -14.55 8.53
C ALA A 367 42.06 -15.90 8.09
N GLN A 368 42.41 -16.05 6.82
CA GLN A 368 43.10 -17.25 6.40
C GLN A 368 44.44 -17.39 7.12
N SER A 369 45.18 -16.27 7.22
CA SER A 369 46.45 -16.32 7.95
C SER A 369 46.21 -16.70 9.41
N SER A 370 45.18 -16.14 10.03
CA SER A 370 44.90 -16.44 11.44
C SER A 370 44.46 -17.88 11.63
N LEU A 371 43.75 -18.44 10.65
CA LEU A 371 43.38 -19.85 10.73
C LEU A 371 44.62 -20.73 10.66
N ASP A 372 45.55 -20.42 9.75
CA ASP A 372 46.79 -21.16 9.73
C ASP A 372 47.53 -21.06 11.05
N ALA A 373 47.55 -19.85 11.63
CA ALA A 373 48.23 -19.65 12.91
C ALA A 373 47.56 -20.44 14.02
N MET A 374 46.23 -20.50 14.00
CA MET A 374 45.51 -21.26 15.02
C MET A 374 45.77 -22.75 14.86
N GLU A 375 45.88 -23.24 13.63
CA GLU A 375 46.27 -24.62 13.42
C GLU A 375 47.65 -24.89 14.01
N ALA A 376 48.60 -23.98 13.74
CA ALA A 376 49.93 -24.12 14.32
C ALA A 376 49.87 -24.15 15.84
N GLY A 377 49.04 -23.29 16.42
CA GLY A 377 48.95 -23.24 17.87
C GLY A 377 48.34 -24.51 18.45
N TYR A 378 47.27 -25.01 17.83
CA TYR A 378 46.69 -26.26 18.27
C TYR A 378 47.71 -27.38 18.19
N SER A 379 48.54 -27.38 17.15
CA SER A 379 49.66 -28.31 17.11
C SER A 379 50.58 -28.11 18.31
N VAL A 380 50.86 -26.86 18.65
CA VAL A 380 51.73 -26.58 19.80
C VAL A 380 51.01 -26.90 21.10
N GLY A 381 49.92 -26.21 21.37
CA GLY A 381 49.17 -26.42 22.60
C GLY A 381 48.59 -25.14 23.19
N THR A 382 48.99 -23.99 22.65
CA THR A 382 48.50 -22.72 23.16
C THR A 382 47.04 -22.53 22.81
N ARG A 383 46.72 -22.49 21.53
CA ARG A 383 45.34 -22.30 21.10
C ARG A 383 44.57 -23.60 21.21
N THR A 384 43.25 -23.48 21.15
CA THR A 384 42.34 -24.62 21.28
C THR A 384 41.52 -24.78 20.01
N ILE A 385 40.97 -25.98 19.84
CA ILE A 385 40.20 -26.29 18.64
C ILE A 385 39.01 -25.35 18.49
N VAL A 386 38.45 -24.90 19.61
CA VAL A 386 37.32 -23.97 19.53
C VAL A 386 37.74 -22.70 18.82
N ASP A 387 38.94 -22.20 19.12
CA ASP A 387 39.47 -21.03 18.44
C ASP A 387 39.67 -21.31 16.96
N VAL A 388 40.16 -22.51 16.62
CA VAL A 388 40.33 -22.89 15.22
C VAL A 388 39.01 -22.81 14.48
N LEU A 389 37.96 -23.40 15.07
CA LEU A 389 36.67 -23.46 14.40
C LEU A 389 36.03 -22.07 14.32
N ASP A 390 36.22 -21.24 15.35
CA ASP A 390 35.73 -19.88 15.29
C ASP A 390 36.44 -19.09 14.19
N ALA A 391 37.74 -19.32 14.03
CA ALA A 391 38.48 -18.66 12.97
C ALA A 391 37.98 -19.10 11.61
N THR A 392 37.71 -20.39 11.46
CA THR A 392 37.17 -20.89 10.20
C THR A 392 35.82 -20.25 9.90
N THR A 393 34.94 -20.21 10.90
CA THR A 393 33.65 -19.58 10.72
C THR A 393 33.79 -18.11 10.34
N THR A 394 34.71 -17.40 10.99
CA THR A 394 34.95 -16.01 10.65
C THR A 394 35.42 -15.87 9.20
N LEU A 395 36.36 -16.73 8.80
CA LEU A 395 36.87 -16.70 7.44
C LEU A 395 35.74 -16.84 6.43
N TYR A 396 34.90 -17.85 6.61
CA TYR A 396 33.88 -18.10 5.59
C TYR A 396 32.74 -17.09 5.67
N ASN A 397 32.45 -16.56 6.85
CA ASN A 397 31.51 -15.44 6.93
C ASN A 397 32.05 -14.23 6.20
N ALA A 398 33.35 -13.98 6.31
CA ALA A 398 33.96 -12.89 5.57
C ALA A 398 33.86 -13.09 4.08
N LYS A 399 34.08 -14.32 3.62
CA LYS A 399 33.92 -14.61 2.21
C LYS A 399 32.49 -14.34 1.74
N GLN A 400 31.51 -14.80 2.53
CA GLN A 400 30.12 -14.52 2.20
C GLN A 400 29.86 -13.03 2.11
N GLN A 401 30.36 -12.27 3.09
CA GLN A 401 30.14 -10.83 3.09
C GLN A 401 30.78 -10.17 1.87
N LEU A 402 31.95 -10.67 1.46
CA LEU A 402 32.62 -10.14 0.29
C LEU A 402 31.78 -10.36 -0.97
N SER A 403 31.31 -11.59 -1.16
CA SER A 403 30.48 -11.88 -2.33
C SER A 403 29.22 -11.02 -2.33
N ASN A 404 28.54 -10.95 -1.19
CA ASN A 404 27.34 -10.14 -1.10
C ASN A 404 27.64 -8.68 -1.37
N ALA A 405 28.81 -8.21 -0.97
CA ALA A 405 29.18 -6.83 -1.23
C ALA A 405 29.36 -6.57 -2.71
N ARG A 406 30.00 -7.50 -3.42
CA ARG A 406 30.10 -7.38 -4.88
C ARG A 406 28.72 -7.26 -5.51
N TYR A 407 27.84 -8.21 -5.18
CA TYR A 407 26.52 -8.23 -5.81
C TYR A 407 25.73 -6.97 -5.44
N ASN A 408 25.87 -6.49 -4.22
CA ASN A 408 25.19 -5.27 -3.82
C ASN A 408 25.77 -4.05 -4.54
N TYR A 409 27.07 -4.07 -4.84
CA TYR A 409 27.65 -3.00 -5.63
C TYR A 409 27.00 -2.94 -7.00
N LEU A 410 26.83 -4.10 -7.62
CA LEU A 410 26.16 -4.13 -8.92
C LEU A 410 24.73 -3.61 -8.81
N ILE A 411 23.98 -4.11 -7.82
CA ILE A 411 22.60 -3.67 -7.64
C ILE A 411 22.53 -2.17 -7.42
N ASN A 412 23.50 -1.60 -6.72
CA ASN A 412 23.46 -0.18 -6.42
C ASN A 412 23.86 0.66 -7.62
N GLU A 413 24.78 0.18 -8.45
CA GLU A 413 25.00 0.82 -9.74
C GLU A 413 23.70 0.89 -10.53
N LEU A 414 22.95 -0.21 -10.54
CA LEU A 414 21.68 -0.22 -11.27
C LEU A 414 20.68 0.75 -10.65
N ASN A 415 20.64 0.83 -9.33
CA ASN A 415 19.73 1.76 -8.68
C ASN A 415 20.09 3.21 -9.03
N ILE A 416 21.39 3.52 -9.06
CA ILE A 416 21.82 4.82 -9.56
C ILE A 416 21.25 5.08 -10.94
N LYS A 417 21.58 4.20 -11.89
CA LYS A 417 21.12 4.40 -13.26
C LYS A 417 19.61 4.44 -13.35
N SER A 418 18.90 3.95 -12.33
CA SER A 418 17.44 4.03 -12.32
C SER A 418 16.98 5.42 -11.89
N ALA A 419 17.54 5.93 -10.79
CA ALA A 419 17.18 7.28 -10.36
C ALA A 419 17.38 8.29 -11.47
N LEU A 420 18.46 8.12 -12.24
CA LEU A 420 18.71 8.99 -13.39
C LEU A 420 17.73 8.77 -14.53
N GLY A 421 16.89 7.73 -14.46
CA GLY A 421 16.03 7.41 -15.57
C GLY A 421 16.74 6.94 -16.81
N THR A 422 18.04 6.65 -16.73
CA THR A 422 18.84 6.21 -17.86
C THR A 422 19.08 4.71 -17.80
N LEU A 423 18.10 3.96 -17.33
CA LEU A 423 18.20 2.52 -17.21
C LEU A 423 17.59 1.86 -18.44
N ASN A 424 18.39 1.06 -19.14
CA ASN A 424 17.95 0.42 -20.36
C ASN A 424 18.86 -0.78 -20.62
N GLU A 425 18.60 -1.46 -21.74
CA GLU A 425 19.34 -2.66 -22.09
C GLU A 425 20.85 -2.42 -22.18
N GLN A 426 21.27 -1.17 -22.36
CA GLN A 426 22.71 -0.90 -22.49
C GLN A 426 23.44 -1.14 -21.18
N ASP A 427 22.85 -0.71 -20.06
CA ASP A 427 23.45 -0.98 -18.76
C ASP A 427 23.49 -2.48 -18.49
N LEU A 428 22.44 -3.20 -18.91
CA LEU A 428 22.45 -4.65 -18.76
C LEU A 428 23.53 -5.29 -19.61
N ILE A 429 23.84 -4.72 -20.77
CA ILE A 429 24.92 -5.25 -21.58
C ILE A 429 26.27 -4.99 -20.90
N ALA A 430 26.46 -3.78 -20.39
CA ALA A 430 27.66 -3.48 -19.63
C ALA A 430 27.83 -4.47 -18.48
N LEU A 431 26.72 -4.82 -17.82
CA LEU A 431 26.77 -5.82 -16.75
C LEU A 431 27.16 -7.19 -17.29
N ASN A 432 26.40 -7.68 -18.27
CA ASN A 432 26.63 -9.02 -18.80
C ASN A 432 28.06 -9.19 -19.26
N ASN A 433 28.69 -8.12 -19.73
CA ASN A 433 30.11 -8.18 -20.05
C ASN A 433 30.90 -8.68 -18.85
N THR A 434 30.43 -8.37 -17.65
CA THR A 434 31.10 -8.82 -16.43
C THR A 434 30.91 -10.31 -16.22
N LEU A 435 29.70 -10.82 -16.46
CA LEU A 435 29.40 -12.21 -16.17
C LEU A 435 30.23 -13.14 -17.04
N GLY A 436 30.71 -14.22 -16.45
CA GLY A 436 31.60 -15.13 -17.13
C GLY A 436 31.09 -16.55 -17.24
N LYS A 437 31.76 -17.47 -16.57
CA LYS A 437 31.46 -18.88 -16.72
C LYS A 437 30.11 -19.22 -16.11
N PRO A 438 29.46 -20.28 -16.57
CA PRO A 438 28.16 -20.67 -16.02
C PRO A 438 28.29 -21.50 -14.76
N ILE A 439 27.20 -21.55 -14.01
CA ILE A 439 27.12 -22.30 -12.77
C ILE A 439 25.68 -22.74 -12.56
N SER A 440 25.51 -23.87 -11.89
CA SER A 440 24.20 -24.50 -11.76
C SER A 440 23.46 -23.98 -10.53
N THR A 441 22.14 -23.98 -10.62
CA THR A 441 21.26 -23.62 -9.53
C THR A 441 20.82 -24.83 -8.71
N SER A 442 21.54 -25.95 -8.84
CA SER A 442 21.13 -27.19 -8.19
C SER A 442 21.50 -27.12 -6.71
N ALA A 443 21.36 -28.25 -6.02
CA ALA A 443 21.62 -28.29 -4.59
C ALA A 443 21.73 -29.74 -4.11
N GLU B 23 -6.67 -20.49 25.78
CA GLU B 23 -7.69 -21.57 25.92
C GLU B 23 -7.36 -22.71 24.97
N ASN B 24 -7.38 -22.41 23.68
CA ASN B 24 -7.09 -23.37 22.62
C ASN B 24 -7.17 -22.62 21.30
N LEU B 25 -6.69 -23.27 20.24
CA LEU B 25 -6.70 -22.64 18.94
C LEU B 25 -8.09 -22.60 18.33
N LEU B 26 -8.84 -23.69 18.48
CA LEU B 26 -10.19 -23.75 17.91
C LEU B 26 -11.10 -22.71 18.55
N GLN B 27 -11.09 -22.62 19.87
CA GLN B 27 -11.93 -21.64 20.55
C GLN B 27 -11.52 -20.23 20.17
N VAL B 28 -10.22 -20.00 20.00
CA VAL B 28 -9.75 -18.68 19.58
C VAL B 28 -10.30 -18.34 18.21
N TYR B 29 -10.25 -19.29 17.27
CA TYR B 29 -10.79 -19.01 15.95
C TYR B 29 -12.29 -18.78 15.99
N GLN B 30 -12.99 -19.49 16.87
CA GLN B 30 -14.42 -19.26 17.02
C GLN B 30 -14.69 -17.83 17.48
N GLN B 31 -14.04 -17.42 18.56
CA GLN B 31 -14.22 -16.06 19.06
C GLN B 31 -13.87 -15.04 18.00
N ALA B 32 -12.80 -15.29 17.23
CA ALA B 32 -12.44 -14.37 16.16
C ALA B 32 -13.56 -14.26 15.14
N ARG B 33 -13.86 -15.38 14.48
CA ARG B 33 -14.92 -15.40 13.47
C ARG B 33 -16.17 -14.71 13.97
N ILE B 34 -16.46 -14.82 15.26
CA ILE B 34 -17.67 -14.19 15.79
C ILE B 34 -17.47 -12.69 15.98
N SER B 35 -16.26 -12.25 16.30
CA SER B 35 -16.01 -10.88 16.69
C SER B 35 -14.79 -10.32 15.98
N ASN B 36 -14.69 -10.54 14.68
CA ASN B 36 -13.64 -9.90 13.90
C ASN B 36 -14.25 -8.87 12.97
N PRO B 37 -13.77 -7.64 12.98
CA PRO B 37 -14.45 -6.59 12.22
C PRO B 37 -14.14 -6.58 10.73
N ASP B 38 -12.92 -6.96 10.34
CA ASP B 38 -12.58 -6.96 8.93
C ASP B 38 -13.44 -7.93 8.14
N LEU B 39 -13.61 -9.15 8.69
CA LEU B 39 -14.49 -10.12 8.06
C LEU B 39 -15.90 -9.58 7.94
N ARG B 40 -16.40 -8.93 8.99
CA ARG B 40 -17.74 -8.37 8.95
C ARG B 40 -17.86 -7.29 7.88
N LYS B 41 -16.80 -6.50 7.71
CA LYS B 41 -16.83 -5.47 6.66
C LYS B 41 -16.87 -6.09 5.28
N SER B 42 -16.09 -7.16 5.07
CA SER B 42 -16.13 -7.83 3.78
C SER B 42 -17.52 -8.42 3.52
N ALA B 43 -18.14 -8.96 4.57
CA ALA B 43 -19.50 -9.48 4.43
C ALA B 43 -20.48 -8.36 4.08
N ALA B 44 -20.34 -7.21 4.73
CA ALA B 44 -21.17 -6.06 4.42
C ALA B 44 -21.04 -5.67 2.96
N ASP B 45 -19.81 -5.61 2.46
CA ASP B 45 -19.59 -5.25 1.06
C ASP B 45 -20.22 -6.29 0.14
N ARG B 46 -20.07 -7.57 0.46
CA ARG B 46 -20.71 -8.61 -0.33
C ARG B 46 -22.22 -8.39 -0.44
N ASP B 47 -22.87 -8.18 0.71
CA ASP B 47 -24.32 -7.98 0.69
C ASP B 47 -24.69 -6.71 -0.03
N ALA B 48 -23.89 -5.66 0.11
CA ALA B 48 -24.15 -4.42 -0.60
C ALA B 48 -24.11 -4.63 -2.10
N ALA B 49 -23.20 -5.47 -2.57
CA ALA B 49 -23.16 -5.79 -4.00
C ALA B 49 -24.38 -6.59 -4.42
N PHE B 50 -24.73 -7.61 -3.64
CA PHE B 50 -25.89 -8.41 -3.97
C PHE B 50 -27.18 -7.59 -3.96
N GLU B 51 -27.19 -6.44 -3.30
CA GLU B 51 -28.34 -5.53 -3.39
C GLU B 51 -28.20 -4.52 -4.52
N LYS B 52 -26.99 -4.07 -4.79
CA LYS B 52 -26.76 -3.27 -6.00
C LYS B 52 -27.26 -4.00 -7.22
N ILE B 53 -27.29 -5.33 -7.16
CA ILE B 53 -27.91 -6.10 -8.23
C ILE B 53 -29.32 -5.60 -8.50
N ASN B 54 -30.16 -5.56 -7.45
CA ASN B 54 -31.52 -5.08 -7.63
C ASN B 54 -31.55 -3.61 -8.00
N GLU B 55 -30.64 -2.82 -7.44
CA GLU B 55 -30.58 -1.41 -7.81
C GLU B 55 -30.37 -1.25 -9.32
N ALA B 56 -29.62 -2.18 -9.92
CA ALA B 56 -29.37 -2.11 -11.36
C ALA B 56 -30.49 -2.76 -12.16
N ARG B 57 -31.20 -3.72 -11.57
CA ARG B 57 -32.36 -4.30 -12.23
C ARG B 57 -33.50 -3.30 -12.32
N SER B 58 -33.55 -2.35 -11.39
CA SER B 58 -34.62 -1.36 -11.33
C SER B 58 -35.01 -0.79 -12.69
N PRO B 59 -34.10 -0.13 -13.40
CA PRO B 59 -34.51 0.59 -14.62
C PRO B 59 -35.24 -0.28 -15.64
N LEU B 60 -34.96 -1.57 -15.67
CA LEU B 60 -35.68 -2.45 -16.57
C LEU B 60 -37.13 -2.66 -16.16
N LEU B 61 -37.51 -2.19 -15.00
CA LEU B 61 -38.86 -2.28 -14.49
C LEU B 61 -39.60 -0.97 -14.73
N PRO B 62 -40.93 -0.98 -14.66
CA PRO B 62 -41.68 0.27 -14.84
C PRO B 62 -41.14 1.38 -13.95
N GLN B 63 -41.23 2.60 -14.45
CA GLN B 63 -40.69 3.76 -13.75
C GLN B 63 -41.79 4.81 -13.60
N LEU B 64 -42.95 4.36 -13.13
CA LEU B 64 -44.08 5.26 -12.90
C LEU B 64 -43.63 6.48 -12.11
N GLY B 65 -44.26 7.61 -12.43
CA GLY B 65 -43.96 8.84 -11.74
C GLY B 65 -45.19 9.70 -11.54
N LEU B 66 -45.00 10.99 -11.33
CA LEU B 66 -46.11 11.91 -11.15
C LEU B 66 -45.56 13.33 -11.20
N GLY B 67 -46.27 14.20 -11.92
CA GLY B 67 -45.85 15.58 -12.06
C GLY B 67 -47.02 16.52 -12.01
N ALA B 68 -46.71 17.80 -11.86
CA ALA B 68 -47.73 18.84 -11.75
C ALA B 68 -47.11 20.15 -12.18
N ASP B 69 -47.95 21.18 -12.24
CA ASP B 69 -47.49 22.48 -12.73
C ASP B 69 -48.57 23.51 -12.47
N TYR B 70 -48.13 24.75 -12.28
CA TYR B 70 -49.04 25.89 -12.14
C TYR B 70 -48.30 27.12 -12.67
N THR B 71 -48.59 27.49 -13.91
CA THR B 71 -47.95 28.62 -14.55
C THR B 71 -48.91 29.80 -14.64
N TYR B 72 -48.32 31.00 -14.76
CA TYR B 72 -49.08 32.23 -14.97
C TYR B 72 -48.39 32.98 -16.12
N THR B 73 -48.82 32.68 -17.34
CA THR B 73 -48.25 33.32 -18.52
C THR B 73 -48.76 34.74 -18.66
N SER B 74 -47.91 35.61 -19.20
CA SER B 74 -48.27 36.99 -19.47
C SER B 74 -47.86 37.39 -20.87
N GLY B 75 -47.96 38.69 -21.17
CA GLY B 75 -47.56 39.19 -22.48
C GLY B 75 -46.63 40.38 -22.39
N PHE B 76 -45.41 40.22 -22.89
CA PHE B 76 -44.43 41.30 -22.82
C PHE B 76 -44.59 42.29 -23.96
N ARG B 77 -44.93 41.82 -25.15
CA ARG B 77 -45.16 42.68 -26.30
C ARG B 77 -45.83 41.88 -27.41
N ASP B 78 -46.87 42.45 -27.99
CA ASP B 78 -47.74 41.87 -29.00
C ASP B 78 -48.69 40.84 -28.41
N TYR B 79 -48.53 40.47 -27.14
CA TYR B 79 -49.45 39.58 -26.44
C TYR B 79 -50.00 40.24 -25.19
N LYS B 80 -49.89 41.57 -25.11
CA LYS B 80 -50.29 42.29 -23.91
C LYS B 80 -51.74 41.98 -23.56
N ASP B 81 -52.01 41.84 -22.27
CA ASP B 81 -53.35 41.56 -21.75
C ASP B 81 -53.86 40.19 -22.18
N GLN B 82 -52.96 39.31 -22.63
CA GLN B 82 -53.29 37.93 -22.94
C GLN B 82 -52.54 37.05 -21.94
N ASN B 83 -53.15 36.86 -20.77
CA ASN B 83 -52.54 36.11 -19.69
C ASN B 83 -53.12 34.71 -19.64
N SER B 84 -52.74 33.95 -18.61
CA SER B 84 -53.23 32.59 -18.44
C SER B 84 -52.93 32.12 -17.03
N ASN B 85 -53.61 31.05 -16.64
CA ASN B 85 -53.40 30.45 -15.33
C ASN B 85 -53.65 28.95 -15.48
N VAL B 86 -52.58 28.22 -15.70
CA VAL B 86 -52.64 26.78 -15.94
C VAL B 86 -52.46 26.03 -14.62
N THR B 87 -53.10 24.87 -14.53
CA THR B 87 -52.94 23.96 -13.39
C THR B 87 -52.92 22.56 -13.98
N SER B 88 -51.73 22.07 -14.29
CA SER B 88 -51.57 20.82 -15.02
C SER B 88 -51.10 19.70 -14.09
N GLY B 89 -51.49 18.48 -14.44
CA GLY B 89 -51.02 17.30 -13.74
C GLY B 89 -50.61 16.24 -14.73
N SER B 90 -49.97 15.19 -14.21
CA SER B 90 -49.48 14.13 -15.07
C SER B 90 -49.13 12.92 -14.23
N LEU B 91 -49.32 11.74 -14.82
CA LEU B 91 -49.02 10.46 -14.21
C LEU B 91 -48.12 9.65 -15.13
N GLN B 92 -47.07 10.29 -15.62
CA GLN B 92 -46.17 9.68 -16.58
C GLN B 92 -45.73 8.31 -16.13
N LEU B 93 -45.75 7.35 -17.06
CA LEU B 93 -45.26 6.01 -16.84
C LEU B 93 -44.27 5.67 -17.94
N THR B 94 -43.30 4.82 -17.60
CA THR B 94 -42.24 4.47 -18.53
C THR B 94 -41.95 2.98 -18.39
N GLN B 95 -41.32 2.44 -19.43
CA GLN B 95 -40.97 1.03 -19.47
C GLN B 95 -40.00 0.83 -20.63
N VAL B 96 -39.09 -0.14 -20.47
CA VAL B 96 -38.02 -0.38 -21.41
C VAL B 96 -38.21 -1.77 -21.99
N LEU B 97 -38.39 -1.84 -23.32
CA LEU B 97 -38.58 -3.09 -24.01
C LEU B 97 -37.32 -3.63 -24.66
N PHE B 98 -36.35 -2.75 -24.97
CA PHE B 98 -35.10 -3.19 -25.56
C PHE B 98 -34.03 -2.16 -25.23
N ASP B 99 -33.19 -2.47 -24.23
CA ASP B 99 -32.06 -1.62 -23.88
C ASP B 99 -30.96 -2.55 -23.36
N MET B 100 -30.03 -2.91 -24.23
CA MET B 100 -29.03 -3.91 -23.87
C MET B 100 -27.99 -3.37 -22.90
N SER B 101 -27.81 -2.05 -22.85
CA SER B 101 -26.84 -1.49 -21.91
C SER B 101 -27.23 -1.80 -20.47
N LYS B 102 -28.51 -1.66 -20.14
CA LYS B 102 -28.96 -1.94 -18.79
C LYS B 102 -28.85 -3.42 -18.46
N TRP B 103 -29.20 -4.29 -19.41
CA TRP B 103 -29.04 -5.72 -19.19
C TRP B 103 -27.59 -6.07 -18.92
N ARG B 104 -26.67 -5.48 -19.69
CA ARG B 104 -25.26 -5.76 -19.47
C ARG B 104 -24.77 -5.20 -18.16
N ALA B 105 -25.28 -4.06 -17.73
CA ALA B 105 -24.93 -3.53 -16.42
C ALA B 105 -25.40 -4.48 -15.32
N LEU B 106 -26.58 -5.05 -15.48
CA LEU B 106 -27.08 -6.02 -14.52
C LEU B 106 -26.15 -7.23 -14.43
N THR B 107 -25.76 -7.76 -15.59
CA THR B 107 -24.85 -8.90 -15.59
C THR B 107 -23.51 -8.53 -14.97
N LEU B 108 -23.02 -7.33 -15.27
CA LEU B 108 -21.78 -6.85 -14.67
C LEU B 108 -21.88 -6.82 -13.15
N GLN B 109 -23.00 -6.35 -12.62
CA GLN B 109 -23.15 -6.28 -11.18
C GLN B 109 -23.22 -7.69 -10.58
N GLU B 110 -23.85 -8.62 -11.27
CA GLU B 110 -23.82 -10.00 -10.81
C GLU B 110 -22.39 -10.53 -10.73
N LYS B 111 -21.58 -10.23 -11.73
CA LYS B 111 -20.19 -10.71 -11.73
C LYS B 111 -19.39 -10.04 -10.62
N ALA B 112 -19.63 -8.75 -10.39
CA ALA B 112 -18.96 -8.06 -9.29
C ALA B 112 -19.37 -8.64 -7.94
N ALA B 113 -20.62 -9.06 -7.82
CA ALA B 113 -21.05 -9.74 -6.60
C ALA B 113 -20.29 -11.04 -6.41
N GLY B 114 -20.14 -11.82 -7.48
CA GLY B 114 -19.32 -13.02 -7.40
C GLY B 114 -17.90 -12.70 -6.95
N ILE B 115 -17.33 -11.62 -7.48
CA ILE B 115 -15.99 -11.22 -7.11
C ILE B 115 -15.92 -10.90 -5.62
N GLN B 116 -16.91 -10.15 -5.12
CA GLN B 116 -16.92 -9.81 -3.71
C GLN B 116 -17.10 -11.04 -2.82
N ASP B 117 -17.86 -12.03 -3.29
CA ASP B 117 -17.96 -13.28 -2.57
C ASP B 117 -16.60 -13.97 -2.48
N VAL B 118 -15.86 -13.98 -3.59
CA VAL B 118 -14.52 -14.54 -3.56
C VAL B 118 -13.65 -13.80 -2.57
N THR B 119 -13.77 -12.47 -2.53
CA THR B 119 -12.97 -11.69 -1.59
C THR B 119 -13.35 -12.02 -0.14
N TYR B 120 -14.63 -12.25 0.12
CA TYR B 120 -15.05 -12.68 1.44
C TYR B 120 -14.41 -14.01 1.82
N GLN B 121 -14.37 -14.95 0.89
CA GLN B 121 -13.68 -16.21 1.14
C GLN B 121 -12.22 -15.97 1.48
N THR B 122 -11.58 -15.11 0.69
CA THR B 122 -10.17 -14.78 0.93
C THR B 122 -9.97 -14.20 2.31
N ASP B 123 -10.91 -13.35 2.76
CA ASP B 123 -10.79 -12.76 4.08
C ASP B 123 -10.99 -13.80 5.18
N GLN B 124 -11.88 -14.77 4.96
CA GLN B 124 -11.98 -15.89 5.89
C GLN B 124 -10.64 -16.59 6.05
N GLN B 125 -10.02 -16.95 4.92
CA GLN B 125 -8.73 -17.63 4.97
C GLN B 125 -7.70 -16.78 5.68
N THR B 126 -7.64 -15.49 5.33
CA THR B 126 -6.67 -14.59 5.95
C THR B 126 -6.88 -14.51 7.45
N LEU B 127 -8.13 -14.54 7.89
CA LEU B 127 -8.41 -14.51 9.32
C LEU B 127 -7.88 -15.75 10.01
N ILE B 128 -8.20 -16.92 9.44
CA ILE B 128 -7.70 -18.16 10.03
C ILE B 128 -6.18 -18.09 10.15
N LEU B 129 -5.53 -17.67 9.07
CA LEU B 129 -4.07 -17.69 9.02
C LEU B 129 -3.47 -16.70 10.00
N ASN B 130 -4.03 -15.49 10.10
CA ASN B 130 -3.49 -14.50 11.01
C ASN B 130 -3.71 -14.91 12.46
N THR B 131 -4.87 -15.51 12.76
CA THR B 131 -5.11 -16.00 14.11
C THR B 131 -4.10 -17.06 14.50
N ALA B 132 -3.87 -18.04 13.61
CA ALA B 132 -2.88 -19.06 13.92
C ALA B 132 -1.49 -18.48 14.05
N THR B 133 -1.12 -17.55 13.16
CA THR B 133 0.18 -16.91 13.24
C THR B 133 0.37 -16.23 14.57
N ALA B 134 -0.63 -15.50 15.05
CA ALA B 134 -0.50 -14.79 16.31
C ALA B 134 -0.43 -15.76 17.48
N TYR B 135 -1.27 -16.79 17.47
CA TYR B 135 -1.20 -17.82 18.51
C TYR B 135 0.19 -18.41 18.62
N PHE B 136 0.76 -18.81 17.49
CA PHE B 136 2.06 -19.47 17.52
C PHE B 136 3.19 -18.49 17.79
N LYS B 137 3.03 -17.23 17.40
CA LYS B 137 3.98 -16.21 17.81
C LYS B 137 4.01 -16.06 19.32
N VAL B 138 2.84 -16.02 19.94
CA VAL B 138 2.76 -15.95 21.39
C VAL B 138 3.45 -17.15 22.02
N LEU B 139 3.17 -18.33 21.49
CA LEU B 139 3.75 -19.54 22.07
C LEU B 139 5.28 -19.55 21.92
N ALA B 140 5.78 -19.14 20.76
CA ALA B 140 7.22 -19.08 20.55
C ALA B 140 7.85 -18.06 21.48
N ALA B 141 7.15 -16.95 21.72
CA ALA B 141 7.65 -15.97 22.67
C ALA B 141 7.75 -16.55 24.06
N ILE B 142 6.73 -17.31 24.47
CA ILE B 142 6.77 -17.94 25.79
C ILE B 142 7.95 -18.89 25.89
N ASP B 143 8.14 -19.71 24.86
CA ASP B 143 9.24 -20.68 24.88
C ASP B 143 10.59 -19.97 24.91
N THR B 144 10.73 -18.90 24.12
CA THR B 144 11.97 -18.15 24.10
C THR B 144 12.26 -17.53 25.46
N LEU B 145 11.25 -16.92 26.07
CA LEU B 145 11.42 -16.35 27.39
C LEU B 145 11.83 -17.40 28.40
N SER B 146 11.20 -18.58 28.35
CA SER B 146 11.56 -19.63 29.30
C SER B 146 12.99 -20.09 29.10
N TYR B 147 13.41 -20.26 27.85
CA TYR B 147 14.78 -20.69 27.60
C TYR B 147 15.78 -19.62 28.00
N THR B 148 15.43 -18.35 27.82
CA THR B 148 16.32 -17.28 28.26
C THR B 148 16.43 -17.24 29.78
N GLU B 149 15.32 -17.43 30.48
CA GLU B 149 15.38 -17.50 31.94
C GLU B 149 16.22 -18.68 32.40
N ALA B 150 16.09 -19.82 31.72
CA ALA B 150 16.92 -20.98 32.05
C ALA B 150 18.40 -20.68 31.82
N GLN B 151 18.71 -20.01 30.72
CA GLN B 151 20.08 -19.59 30.44
C GLN B 151 20.60 -18.70 31.54
N LYS B 152 19.80 -17.73 31.97
CA LYS B 152 20.18 -16.85 33.06
C LYS B 152 20.44 -17.64 34.33
N GLN B 153 19.59 -18.61 34.63
CA GLN B 153 19.76 -19.40 35.85
C GLN B 153 21.05 -20.21 35.80
N ALA B 154 21.35 -20.81 34.65
CA ALA B 154 22.59 -21.57 34.53
C ALA B 154 23.80 -20.67 34.67
N ILE B 155 23.76 -19.50 34.03
CA ILE B 155 24.86 -18.55 34.16
C ILE B 155 25.05 -18.15 35.61
N TYR B 156 23.94 -17.94 36.33
CA TYR B 156 24.05 -17.54 37.74
C TYR B 156 24.59 -18.67 38.58
N ARG B 157 24.23 -19.92 38.25
CA ARG B 157 24.79 -21.05 38.98
C ARG B 157 26.31 -21.09 38.83
N GLN B 158 26.78 -20.95 37.59
CA GLN B 158 28.23 -20.97 37.36
C GLN B 158 28.89 -19.78 38.04
N LEU B 159 28.24 -18.62 38.01
CA LEU B 159 28.80 -17.43 38.64
C LEU B 159 28.90 -17.60 40.15
N ASP B 160 27.89 -18.21 40.76
CA ASP B 160 27.93 -18.43 42.21
C ASP B 160 28.99 -19.45 42.57
N GLN B 161 29.10 -20.53 41.78
CA GLN B 161 30.17 -21.49 42.01
C GLN B 161 31.54 -20.81 41.97
N THR B 162 31.77 -19.98 40.95
CA THR B 162 33.04 -19.29 40.85
C THR B 162 33.24 -18.30 42.00
N THR B 163 32.16 -17.62 42.41
CA THR B 163 32.27 -16.67 43.51
C THR B 163 32.68 -17.37 44.80
N GLN B 164 32.08 -18.53 45.07
CA GLN B 164 32.46 -19.26 46.28
C GLN B 164 33.88 -19.79 46.19
N ARG B 165 34.23 -20.38 45.04
CA ARG B 165 35.59 -20.89 44.86
C ARG B 165 36.62 -19.78 44.89
N PHE B 166 36.21 -18.53 44.66
CA PHE B 166 37.12 -17.41 44.80
C PHE B 166 37.20 -16.94 46.24
N ASN B 167 36.06 -16.91 46.93
CA ASN B 167 36.06 -16.57 48.36
C ASN B 167 36.94 -17.54 49.14
N VAL B 168 36.99 -18.80 48.73
CA VAL B 168 37.87 -19.74 49.40
C VAL B 168 39.32 -19.57 48.92
N GLY B 169 39.52 -19.23 47.64
CA GLY B 169 40.84 -18.94 47.14
C GLY B 169 41.28 -19.84 46.00
N LEU B 170 40.33 -20.38 45.24
CA LEU B 170 40.65 -21.25 44.11
C LEU B 170 40.59 -20.51 42.77
N VAL B 171 39.45 -19.92 42.46
CA VAL B 171 39.27 -19.23 41.19
C VAL B 171 39.61 -17.76 41.38
N ALA B 172 39.96 -17.10 40.27
CA ALA B 172 40.36 -15.70 40.29
C ALA B 172 39.19 -14.79 39.94
N ILE B 173 39.36 -13.52 40.25
CA ILE B 173 38.35 -12.50 39.97
C ILE B 173 38.02 -12.46 38.48
N THR B 174 38.95 -12.91 37.64
CA THR B 174 38.75 -12.87 36.21
C THR B 174 37.49 -13.62 35.81
N ASP B 175 37.38 -14.87 36.24
CA ASP B 175 36.21 -15.68 35.91
C ASP B 175 34.94 -15.06 36.47
N VAL B 176 35.01 -14.52 37.68
CA VAL B 176 33.85 -13.87 38.29
C VAL B 176 33.35 -12.75 37.38
N GLN B 177 34.28 -11.92 36.90
CA GLN B 177 33.90 -10.78 36.10
C GLN B 177 33.35 -11.20 34.74
N ASN B 178 33.97 -12.21 34.12
CA ASN B 178 33.44 -12.74 32.87
C ASN B 178 32.01 -13.21 33.04
N ALA B 179 31.77 -14.01 34.08
CA ALA B 179 30.42 -14.52 34.33
C ALA B 179 29.45 -13.37 34.60
N ARG B 180 29.91 -12.34 35.31
CA ARG B 180 29.05 -11.19 35.57
C ARG B 180 28.63 -10.52 34.28
N SER B 181 29.58 -10.33 33.36
CA SER B 181 29.26 -9.71 32.09
C SER B 181 28.23 -10.53 31.33
N GLN B 182 28.46 -11.84 31.23
CA GLN B 182 27.52 -12.69 30.52
C GLN B 182 26.14 -12.64 31.16
N TYR B 183 26.09 -12.63 32.50
CA TYR B 183 24.82 -12.57 33.20
C TYR B 183 24.08 -11.28 32.86
N ASP B 184 24.79 -10.15 32.81
CA ASP B 184 24.14 -8.89 32.49
C ASP B 184 23.58 -8.89 31.08
N ALA B 185 24.35 -9.42 30.13
CA ALA B 185 23.84 -9.53 28.76
C ALA B 185 22.58 -10.37 28.70
N VAL B 186 22.57 -11.49 29.43
CA VAL B 186 21.40 -12.34 29.45
C VAL B 186 20.22 -11.61 30.06
N LEU B 187 20.47 -10.79 31.07
CA LEU B 187 19.40 -10.00 31.68
C LEU B 187 18.75 -9.09 30.64
N ALA B 188 19.58 -8.41 29.85
CA ALA B 188 19.05 -7.53 28.81
C ALA B 188 18.21 -8.31 27.80
N ASN B 189 18.73 -9.46 27.36
CA ASN B 189 17.99 -10.28 26.40
C ASN B 189 16.66 -10.74 26.99
N GLU B 190 16.65 -11.05 28.29
CA GLU B 190 15.43 -11.47 28.95
C GLU B 190 14.40 -10.34 28.95
N VAL B 191 14.85 -9.13 29.24
CA VAL B 191 13.94 -7.98 29.17
C VAL B 191 13.31 -7.88 27.79
N THR B 192 14.14 -7.96 26.75
CA THR B 192 13.63 -7.89 25.39
C THR B 192 12.59 -8.98 25.13
N ALA B 193 12.87 -10.19 25.59
CA ALA B 193 11.95 -11.31 25.36
C ALA B 193 10.62 -11.07 26.06
N ARG B 194 10.65 -10.55 27.28
CA ARG B 194 9.43 -10.28 28.01
C ARG B 194 8.58 -9.24 27.29
N ASN B 195 9.22 -8.16 26.82
CA ASN B 195 8.48 -7.16 26.05
C ASN B 195 7.86 -7.77 24.82
N ASP B 196 8.63 -8.60 24.10
CA ASP B 196 8.09 -9.22 22.89
C ASP B 196 6.89 -10.10 23.20
N LEU B 197 6.95 -10.85 24.28
CA LEU B 197 5.83 -11.70 24.68
C LEU B 197 4.59 -10.87 24.96
N ASP B 198 4.75 -9.79 25.71
CA ASP B 198 3.58 -8.97 26.05
C ASP B 198 2.98 -8.36 24.79
N ASN B 199 3.81 -7.83 23.90
CA ASN B 199 3.29 -7.25 22.66
C ASN B 199 2.61 -8.30 21.79
N ALA B 200 3.12 -9.53 21.81
CA ALA B 200 2.48 -10.59 21.05
C ALA B 200 1.11 -10.93 21.61
N VAL B 201 0.98 -10.96 22.93
CA VAL B 201 -0.34 -11.15 23.54
C VAL B 201 -1.27 -10.02 23.13
N GLU B 202 -0.75 -8.80 23.06
CA GLU B 202 -1.58 -7.67 22.67
C GLU B 202 -2.05 -7.81 21.22
N GLU B 203 -1.18 -8.29 20.34
CA GLU B 203 -1.60 -8.52 18.96
C GLU B 203 -2.65 -9.62 18.88
N LEU B 204 -2.46 -10.70 19.65
CA LEU B 204 -3.47 -11.74 19.72
C LEU B 204 -4.81 -11.17 20.14
N ARG B 205 -4.80 -10.26 21.12
CA ARG B 205 -6.03 -9.60 21.53
C ARG B 205 -6.63 -8.79 20.39
N GLN B 206 -5.80 -7.98 19.74
CA GLN B 206 -6.26 -7.20 18.59
C GLN B 206 -6.95 -8.08 17.56
N VAL B 207 -6.47 -9.31 17.40
CA VAL B 207 -7.09 -10.21 16.43
C VAL B 207 -8.41 -10.76 16.96
N THR B 208 -8.38 -11.37 18.14
CA THR B 208 -9.56 -12.02 18.67
C THR B 208 -10.50 -11.02 19.33
N GLY B 209 -10.04 -10.38 20.40
CA GLY B 209 -10.84 -9.42 21.13
C GLY B 209 -10.65 -9.51 22.62
N ASN B 210 -10.28 -10.69 23.11
CA ASN B 210 -10.10 -10.94 24.53
C ASN B 210 -8.63 -11.20 24.83
N TYR B 211 -8.27 -11.00 26.10
CA TYR B 211 -6.94 -11.30 26.59
C TYR B 211 -6.91 -12.74 27.11
N TYR B 212 -5.91 -13.50 26.67
CA TYR B 212 -5.81 -14.90 27.02
C TYR B 212 -4.66 -15.12 27.99
N PRO B 213 -4.94 -15.36 29.29
CA PRO B 213 -3.84 -15.60 30.23
C PRO B 213 -3.30 -17.00 30.19
N GLU B 214 -4.06 -17.97 29.69
CA GLU B 214 -3.60 -19.35 29.55
C GLU B 214 -3.92 -19.83 28.15
N LEU B 215 -2.90 -20.23 27.41
CA LEU B 215 -3.03 -20.78 26.09
C LEU B 215 -2.70 -22.26 26.12
N ALA B 216 -2.92 -22.93 25.00
CA ALA B 216 -2.64 -24.36 24.88
C ALA B 216 -1.25 -24.52 24.27
N SER B 217 -0.38 -25.23 24.97
CA SER B 217 1.01 -25.35 24.58
C SER B 217 1.16 -26.40 23.48
N LEU B 218 2.39 -26.78 23.20
CA LEU B 218 2.71 -27.78 22.20
C LEU B 218 3.08 -29.10 22.86
N ASN B 219 2.76 -30.20 22.19
CA ASN B 219 3.06 -31.53 22.68
C ASN B 219 4.25 -32.07 21.90
N VAL B 220 5.45 -31.71 22.35
CA VAL B 220 6.66 -32.13 21.66
C VAL B 220 6.90 -33.62 21.86
N ASP B 221 6.41 -34.18 22.97
CA ASP B 221 6.59 -35.61 23.21
C ASP B 221 5.95 -36.45 22.13
N GLY B 222 5.05 -35.89 21.34
CA GLY B 222 4.41 -36.60 20.26
C GLY B 222 4.39 -35.80 18.98
N PHE B 223 5.09 -34.67 18.98
CA PHE B 223 5.18 -33.85 17.78
C PHE B 223 5.90 -34.60 16.67
N LYS B 224 5.34 -34.54 15.46
CA LYS B 224 5.93 -35.22 14.32
C LYS B 224 5.60 -34.43 13.06
N THR B 225 6.45 -34.59 12.05
CA THR B 225 6.34 -33.87 10.80
C THR B 225 6.01 -34.84 9.68
N SER B 226 5.05 -34.48 8.84
CA SER B 226 4.61 -35.30 7.72
C SER B 226 5.02 -34.62 6.42
N LYS B 227 5.71 -35.38 5.56
CA LYS B 227 6.13 -34.84 4.28
C LYS B 227 4.90 -34.40 3.48
N PRO B 228 4.88 -33.19 2.96
CA PRO B 228 3.72 -32.74 2.18
C PRO B 228 3.56 -33.57 0.91
N GLN B 229 2.44 -33.33 0.23
CA GLN B 229 2.13 -34.09 -0.96
C GLN B 229 2.89 -33.53 -2.17
N ALA B 230 2.83 -34.27 -3.27
CA ALA B 230 3.59 -33.91 -4.45
C ALA B 230 3.30 -32.48 -4.87
N VAL B 231 4.35 -31.79 -5.34
CA VAL B 231 4.20 -30.39 -5.68
C VAL B 231 3.33 -30.20 -6.92
N ASN B 232 3.38 -31.14 -7.86
CA ASN B 232 2.54 -31.02 -9.05
C ASN B 232 1.06 -31.12 -8.69
N ALA B 233 0.71 -32.03 -7.80
CA ALA B 233 -0.67 -32.12 -7.33
C ALA B 233 -1.08 -30.84 -6.62
N LEU B 234 -0.17 -30.28 -5.82
CA LEU B 234 -0.45 -29.01 -5.17
C LEU B 234 -0.74 -27.93 -6.21
N LEU B 235 0.03 -27.91 -7.30
CA LEU B 235 -0.15 -26.88 -8.31
C LEU B 235 -1.48 -27.05 -9.04
N LYS B 236 -1.84 -28.29 -9.35
CA LYS B 236 -3.14 -28.54 -9.95
C LYS B 236 -4.27 -28.07 -9.04
N GLU B 237 -4.25 -28.52 -7.78
CA GLU B 237 -5.28 -28.11 -6.84
C GLU B 237 -5.30 -26.60 -6.65
N ALA B 238 -4.15 -25.94 -6.80
CA ALA B 238 -4.10 -24.51 -6.62
C ALA B 238 -4.74 -23.79 -7.80
N GLU B 239 -4.25 -24.08 -9.01
CA GLU B 239 -4.83 -23.47 -10.20
C GLU B 239 -6.30 -23.83 -10.35
N ASN B 240 -6.79 -24.83 -9.64
CA ASN B 240 -8.22 -25.14 -9.66
C ASN B 240 -9.00 -24.43 -8.57
N ARG B 241 -8.41 -24.24 -7.37
CA ARG B 241 -9.16 -23.80 -6.21
C ARG B 241 -8.59 -22.57 -5.53
N ASN B 242 -7.53 -21.97 -6.05
CA ASN B 242 -7.00 -20.76 -5.44
C ASN B 242 -7.98 -19.61 -5.60
N LEU B 243 -7.80 -18.59 -4.79
CA LEU B 243 -8.75 -17.49 -4.71
C LEU B 243 -8.33 -16.27 -5.52
N SER B 244 -7.04 -15.91 -5.48
CA SER B 244 -6.59 -14.79 -6.30
C SER B 244 -6.71 -15.12 -7.77
N LEU B 245 -6.36 -16.35 -8.15
CA LEU B 245 -6.50 -16.79 -9.53
C LEU B 245 -7.97 -16.78 -9.96
N LEU B 246 -8.85 -17.26 -9.09
CA LEU B 246 -10.28 -17.24 -9.39
C LEU B 246 -10.79 -15.82 -9.58
N GLN B 247 -10.36 -14.91 -8.70
CA GLN B 247 -10.72 -13.51 -8.84
C GLN B 247 -10.23 -12.94 -10.15
N ALA B 248 -9.02 -13.32 -10.56
CA ALA B 248 -8.46 -12.82 -11.80
C ALA B 248 -9.28 -13.28 -13.01
N ARG B 249 -9.63 -14.56 -13.04
CA ARG B 249 -10.42 -15.04 -14.18
C ARG B 249 -11.83 -14.47 -14.15
N LEU B 250 -12.39 -14.24 -12.96
CA LEU B 250 -13.68 -13.55 -12.88
C LEU B 250 -13.59 -12.14 -13.44
N ASN B 251 -12.48 -11.44 -13.14
CA ASN B 251 -12.30 -10.11 -13.70
C ASN B 251 -12.12 -10.16 -15.22
N GLN B 252 -11.49 -11.22 -15.72
CA GLN B 252 -11.39 -11.39 -17.16
C GLN B 252 -12.78 -11.51 -17.80
N ASP B 253 -13.63 -12.35 -17.20
CA ASP B 253 -15.00 -12.46 -17.71
C ASP B 253 -15.74 -11.14 -17.60
N LEU B 254 -15.51 -10.40 -16.52
CA LEU B 254 -16.10 -9.08 -16.37
C LEU B 254 -15.68 -8.16 -17.50
N ALA B 255 -14.41 -8.22 -17.89
CA ALA B 255 -13.93 -7.39 -18.99
C ALA B 255 -14.58 -7.79 -20.31
N ARG B 256 -14.77 -9.09 -20.53
CA ARG B 256 -15.51 -9.54 -21.69
C ARG B 256 -16.90 -8.93 -21.73
N GLU B 257 -17.60 -9.01 -20.60
CA GLU B 257 -18.94 -8.44 -20.54
C GLU B 257 -18.92 -6.94 -20.73
N GLN B 258 -17.85 -6.27 -20.31
CA GLN B 258 -17.72 -4.84 -20.57
C GLN B 258 -17.56 -4.56 -22.06
N ILE B 259 -16.78 -5.39 -22.75
CA ILE B 259 -16.67 -5.27 -24.19
C ILE B 259 -18.05 -5.35 -24.83
N ARG B 260 -18.85 -6.32 -24.40
CA ARG B 260 -20.18 -6.46 -24.98
C ARG B 260 -21.05 -5.27 -24.64
N GLN B 261 -20.94 -4.77 -23.41
CA GLN B 261 -21.68 -3.57 -23.01
C GLN B 261 -21.37 -2.41 -23.93
N ALA B 262 -20.09 -2.20 -24.23
CA ALA B 262 -19.71 -1.11 -25.12
C ALA B 262 -20.22 -1.35 -26.53
N GLN B 263 -20.06 -2.58 -27.05
CA GLN B 263 -20.60 -2.90 -28.36
C GLN B 263 -22.08 -2.58 -28.45
N ASP B 264 -22.81 -2.71 -27.34
CA ASP B 264 -24.24 -2.48 -27.35
C ASP B 264 -24.60 -1.02 -27.57
N GLY B 265 -23.63 -0.11 -27.60
CA GLY B 265 -23.92 1.28 -27.89
C GLY B 265 -24.43 1.52 -29.29
N HIS B 266 -24.13 0.61 -30.23
CA HIS B 266 -24.61 0.74 -31.59
C HIS B 266 -26.09 0.44 -31.73
N LEU B 267 -26.72 -0.07 -30.68
CA LEU B 267 -28.05 -0.64 -30.80
C LEU B 267 -29.13 0.36 -30.42
N PRO B 268 -30.35 0.14 -30.85
CA PRO B 268 -31.44 1.07 -30.53
C PRO B 268 -31.91 0.96 -29.10
N THR B 269 -32.96 1.72 -28.76
CA THR B 269 -33.48 1.76 -27.40
C THR B 269 -34.96 2.13 -27.47
N LEU B 270 -35.83 1.14 -27.32
CA LEU B 270 -37.25 1.41 -27.24
C LEU B 270 -37.62 1.85 -25.82
N ASP B 271 -38.77 2.52 -25.73
CA ASP B 271 -39.25 3.03 -24.44
C ASP B 271 -40.75 3.21 -24.56
N LEU B 272 -41.52 2.34 -23.91
CA LEU B 272 -42.96 2.43 -23.93
C LEU B 272 -43.40 3.52 -22.96
N ASN B 273 -43.68 4.71 -23.49
CA ASN B 273 -44.17 5.80 -22.69
C ASN B 273 -45.66 5.63 -22.42
N ALA B 274 -46.18 6.51 -21.56
CA ALA B 274 -47.59 6.50 -21.19
C ALA B 274 -47.84 7.67 -20.26
N SER B 275 -49.10 8.08 -20.17
CA SER B 275 -49.45 9.24 -19.37
C SER B 275 -50.96 9.25 -19.14
N SER B 276 -51.38 10.13 -18.24
CA SER B 276 -52.79 10.42 -18.00
C SER B 276 -52.97 11.93 -17.84
N GLY B 277 -52.33 12.69 -18.71
CA GLY B 277 -52.29 14.13 -18.60
C GLY B 277 -53.63 14.79 -18.38
N VAL B 278 -53.64 15.84 -17.57
CA VAL B 278 -54.83 16.65 -17.32
C VAL B 278 -54.38 18.08 -17.10
N SER B 279 -55.21 19.03 -17.52
CA SER B 279 -54.89 20.44 -17.42
C SER B 279 -56.16 21.24 -17.22
N ASN B 280 -56.00 22.43 -16.63
CA ASN B 280 -57.12 23.33 -16.39
C ASN B 280 -56.67 24.74 -16.78
N ASN B 281 -56.86 25.09 -18.05
CA ASN B 281 -56.52 26.41 -18.54
C ASN B 281 -57.60 27.41 -18.17
N ARG B 282 -57.18 28.59 -17.71
CA ARG B 282 -58.08 29.64 -17.27
C ARG B 282 -57.65 30.98 -17.85
N TYR B 283 -57.43 31.00 -19.17
CA TYR B 283 -56.99 32.20 -19.87
C TYR B 283 -57.73 33.43 -19.36
N SER B 284 -56.95 34.46 -19.01
CA SER B 284 -57.48 35.70 -18.48
C SER B 284 -56.87 36.87 -19.23
N GLY B 285 -57.40 38.06 -18.95
CA GLY B 285 -56.96 39.27 -19.60
C GLY B 285 -58.06 39.89 -20.45
N SER B 286 -57.87 41.17 -20.79
CA SER B 286 -58.86 41.88 -21.59
C SER B 286 -58.83 41.39 -23.03
N LYS B 287 -57.67 41.47 -23.67
CA LYS B 287 -57.53 40.97 -25.04
C LYS B 287 -57.62 39.45 -25.12
N SER B 288 -57.69 38.76 -23.98
CA SER B 288 -57.79 37.31 -23.98
C SER B 288 -59.01 36.86 -24.77
N ILE B 289 -58.79 36.20 -25.90
CA ILE B 289 -59.87 35.74 -26.75
C ILE B 289 -60.06 34.23 -26.67
N SER B 290 -59.01 33.46 -26.41
CA SER B 290 -59.15 32.02 -26.32
C SER B 290 -60.15 31.63 -25.23
N GLN B 291 -60.65 30.41 -25.34
CA GLN B 291 -61.69 29.91 -24.46
C GLN B 291 -61.08 29.11 -23.32
N ASP B 292 -61.52 29.39 -22.09
CA ASP B 292 -61.09 28.61 -20.95
C ASP B 292 -61.45 27.14 -21.15
N ALA B 293 -60.47 26.27 -20.97
CA ALA B 293 -60.64 24.84 -21.20
C ALA B 293 -60.06 24.05 -20.04
N ASP B 294 -60.83 23.08 -19.56
CA ASP B 294 -60.38 22.13 -18.54
C ASP B 294 -60.41 20.75 -19.19
N ILE B 295 -59.24 20.28 -19.62
CA ILE B 295 -59.14 19.14 -20.51
C ILE B 295 -58.37 18.01 -19.82
N GLY B 296 -58.50 16.82 -20.39
CA GLY B 296 -57.78 15.65 -19.93
C GLY B 296 -57.31 14.82 -21.12
N GLN B 297 -56.02 14.53 -21.15
CA GLN B 297 -55.39 13.86 -22.30
C GLN B 297 -54.66 12.63 -21.81
N ASN B 298 -55.10 11.46 -22.26
CA ASN B 298 -54.47 10.18 -21.93
C ASN B 298 -53.86 9.61 -23.20
N LYS B 299 -52.57 9.31 -23.16
CA LYS B 299 -51.85 8.81 -24.32
C LYS B 299 -50.90 7.71 -23.90
N ILE B 300 -50.59 6.85 -24.88
CA ILE B 300 -49.64 5.76 -24.69
C ILE B 300 -48.92 5.51 -26.00
N GLY B 301 -47.60 5.62 -25.98
CA GLY B 301 -46.83 5.49 -27.21
C GLY B 301 -45.42 5.02 -26.93
N LEU B 302 -44.69 4.77 -28.01
CA LEU B 302 -43.34 4.27 -27.97
C LEU B 302 -42.35 5.39 -28.27
N SER B 303 -41.06 5.06 -28.21
CA SER B 303 -40.01 6.03 -28.51
C SER B 303 -38.78 5.23 -28.95
N PHE B 304 -38.55 5.17 -30.25
CA PHE B 304 -37.39 4.52 -30.80
C PHE B 304 -36.17 5.43 -30.69
N SER B 305 -35.01 4.89 -31.02
CA SER B 305 -33.77 5.64 -31.00
C SER B 305 -32.69 4.82 -31.70
N LEU B 306 -31.80 5.50 -32.41
CA LEU B 306 -30.77 4.81 -33.18
C LEU B 306 -29.61 5.75 -33.45
N PRO B 307 -28.56 5.72 -32.63
CA PRO B 307 -27.43 6.63 -32.84
C PRO B 307 -26.56 6.21 -34.00
N LEU B 308 -26.94 6.63 -35.21
CA LEU B 308 -26.18 6.30 -36.41
C LEU B 308 -24.70 6.62 -36.23
N TYR B 309 -24.40 7.86 -35.84
CA TYR B 309 -23.03 8.31 -35.69
C TYR B 309 -22.92 9.19 -34.46
N GLN B 310 -21.77 9.09 -33.80
CA GLN B 310 -21.51 9.88 -32.60
C GLN B 310 -20.11 10.46 -32.56
N GLY B 311 -19.32 10.30 -33.61
CA GLY B 311 -17.95 10.79 -33.64
C GLY B 311 -16.90 9.77 -33.24
N GLY B 312 -17.30 8.57 -32.87
CA GLY B 312 -16.38 7.53 -32.49
C GLY B 312 -16.43 7.12 -31.03
N MET B 313 -17.54 7.40 -30.34
CA MET B 313 -17.62 7.04 -28.93
C MET B 313 -17.68 5.53 -28.74
N VAL B 314 -18.50 4.85 -29.52
CA VAL B 314 -18.65 3.41 -29.37
C VAL B 314 -17.41 2.68 -29.88
N ASN B 315 -16.95 3.05 -31.08
CA ASN B 315 -15.78 2.41 -31.66
C ASN B 315 -14.51 2.70 -30.87
N SER B 316 -14.58 3.59 -29.88
CA SER B 316 -13.47 3.87 -28.98
C SER B 316 -13.63 3.18 -27.64
N GLN B 317 -14.84 3.19 -27.09
CA GLN B 317 -15.11 2.42 -25.88
C GLN B 317 -14.82 0.95 -26.10
N VAL B 318 -15.07 0.46 -27.31
CA VAL B 318 -14.83 -0.95 -27.60
C VAL B 318 -13.34 -1.26 -27.53
N LYS B 319 -12.51 -0.41 -28.14
CA LYS B 319 -11.07 -0.63 -28.08
C LYS B 319 -10.56 -0.48 -26.66
N GLN B 320 -11.10 0.47 -25.91
CA GLN B 320 -10.74 0.59 -24.50
C GLN B 320 -11.05 -0.70 -23.75
N ALA B 321 -12.22 -1.27 -23.99
CA ALA B 321 -12.61 -2.48 -23.28
C ALA B 321 -11.75 -3.65 -23.71
N GLN B 322 -11.36 -3.72 -24.98
CA GLN B 322 -10.48 -4.79 -25.41
C GLN B 322 -9.11 -4.67 -24.77
N TYR B 323 -8.58 -3.46 -24.65
CA TYR B 323 -7.29 -3.28 -23.99
C TYR B 323 -7.39 -3.59 -22.50
N ASN B 324 -8.52 -3.26 -21.87
CA ASN B 324 -8.71 -3.64 -20.47
C ASN B 324 -8.85 -5.14 -20.31
N PHE B 325 -9.43 -5.81 -21.30
CA PHE B 325 -9.49 -7.27 -21.28
C PHE B 325 -8.10 -7.86 -21.39
N VAL B 326 -7.26 -7.29 -22.24
CA VAL B 326 -5.86 -7.69 -22.29
C VAL B 326 -5.19 -7.49 -20.94
N GLY B 327 -5.47 -6.35 -20.31
CA GLY B 327 -4.89 -6.10 -18.99
C GLY B 327 -5.33 -7.12 -17.96
N ALA B 328 -6.60 -7.53 -18.01
CA ALA B 328 -7.09 -8.53 -17.09
C ALA B 328 -6.47 -9.90 -17.37
N SER B 329 -6.27 -10.23 -18.65
CA SER B 329 -5.58 -11.47 -18.98
C SER B 329 -4.17 -11.48 -18.43
N GLU B 330 -3.47 -10.36 -18.54
CA GLU B 330 -2.11 -10.29 -18.01
C GLU B 330 -2.11 -10.34 -16.49
N GLN B 331 -3.09 -9.70 -15.84
CA GLN B 331 -3.24 -9.86 -14.39
C GLN B 331 -3.45 -11.31 -14.02
N LEU B 332 -4.22 -12.04 -14.83
CA LEU B 332 -4.43 -13.46 -14.59
C LEU B 332 -3.14 -14.24 -14.68
N GLU B 333 -2.33 -13.97 -15.71
CA GLU B 333 -1.05 -14.65 -15.81
C GLU B 333 -0.14 -14.32 -14.64
N SER B 334 -0.13 -13.04 -14.24
CA SER B 334 0.67 -12.65 -13.09
C SER B 334 0.22 -13.37 -11.82
N ALA B 335 -1.08 -13.54 -11.68
CA ALA B 335 -1.61 -14.26 -10.52
C ALA B 335 -1.22 -15.72 -10.55
N HIS B 336 -1.24 -16.32 -11.74
CA HIS B 336 -0.77 -17.70 -11.86
C HIS B 336 0.69 -17.83 -11.46
N ARG B 337 1.52 -16.89 -11.90
CA ARG B 337 2.93 -16.92 -11.54
C ARG B 337 3.12 -16.74 -10.04
N SER B 338 2.41 -15.78 -9.45
CA SER B 338 2.51 -15.57 -8.01
C SER B 338 2.05 -16.81 -7.25
N VAL B 339 1.03 -17.49 -7.75
CA VAL B 339 0.55 -18.69 -7.09
C VAL B 339 1.60 -19.78 -7.15
N VAL B 340 2.21 -19.97 -8.31
CA VAL B 340 3.26 -20.97 -8.44
C VAL B 340 4.40 -20.66 -7.47
N GLN B 341 4.81 -19.39 -7.41
CA GLN B 341 5.87 -19.00 -6.49
C GLN B 341 5.48 -19.32 -5.06
N THR B 342 4.26 -18.97 -4.66
CA THR B 342 3.82 -19.19 -3.30
C THR B 342 3.84 -20.67 -2.96
N VAL B 343 3.29 -21.50 -3.85
CA VAL B 343 3.23 -22.93 -3.58
C VAL B 343 4.62 -23.53 -3.49
N ARG B 344 5.48 -23.22 -4.46
CA ARG B 344 6.82 -23.78 -4.45
C ARG B 344 7.60 -23.33 -3.22
N SER B 345 7.48 -22.05 -2.87
CA SER B 345 8.18 -21.56 -1.69
C SER B 345 7.69 -22.23 -0.43
N SER B 346 6.37 -22.43 -0.31
CA SER B 346 5.83 -23.05 0.88
C SER B 346 6.28 -24.51 0.99
N PHE B 347 6.22 -25.25 -0.12
CA PHE B 347 6.72 -26.62 -0.13
C PHE B 347 8.18 -26.66 0.29
N ASN B 348 9.00 -25.81 -0.32
CA ASN B 348 10.44 -25.83 -0.05
C ASN B 348 10.73 -25.51 1.40
N ASN B 349 10.10 -24.46 1.94
CA ASN B 349 10.39 -24.07 3.31
C ASN B 349 9.76 -25.00 4.32
N VAL B 350 8.72 -25.76 3.95
CA VAL B 350 8.24 -26.84 4.81
C VAL B 350 9.31 -27.92 4.93
N ASN B 351 9.80 -28.40 3.79
CA ASN B 351 10.86 -29.40 3.84
C ASN B 351 12.08 -28.86 4.58
N ALA B 352 12.35 -27.58 4.43
CA ALA B 352 13.47 -26.96 5.13
C ALA B 352 13.24 -26.93 6.62
N SER B 353 12.00 -26.65 7.05
CA SER B 353 11.69 -26.67 8.47
C SER B 353 11.89 -28.07 9.05
N ILE B 354 11.50 -29.09 8.29
CA ILE B 354 11.72 -30.45 8.75
C ILE B 354 13.21 -30.72 8.93
N SER B 355 13.99 -30.46 7.88
CA SER B 355 15.42 -30.72 7.95
C SER B 355 16.09 -29.93 9.05
N SER B 356 15.63 -28.69 9.27
CA SER B 356 16.21 -27.86 10.31
C SER B 356 15.82 -28.34 11.69
N ILE B 357 14.59 -28.86 11.85
CA ILE B 357 14.21 -29.49 13.10
C ILE B 357 15.18 -30.60 13.45
N ASN B 358 15.41 -31.50 12.48
CA ASN B 358 16.33 -32.60 12.74
C ASN B 358 17.73 -32.09 13.06
N ALA B 359 18.21 -31.13 12.27
CA ALA B 359 19.56 -30.60 12.48
C ALA B 359 19.69 -29.97 13.85
N TYR B 360 18.72 -29.17 14.26
CA TYR B 360 18.79 -28.49 15.54
C TYR B 360 18.62 -29.46 16.69
N LYS B 361 17.89 -30.56 16.49
CA LYS B 361 17.87 -31.61 17.50
C LYS B 361 19.27 -32.17 17.71
N GLN B 362 19.92 -32.57 16.63
CA GLN B 362 21.29 -33.06 16.75
C GLN B 362 22.19 -32.00 17.38
N ALA B 363 21.94 -30.74 17.04
CA ALA B 363 22.77 -29.65 17.57
C ALA B 363 22.59 -29.50 19.07
N VAL B 364 21.35 -29.59 19.54
CA VAL B 364 21.09 -29.49 20.97
C VAL B 364 21.77 -30.63 21.71
N VAL B 365 21.66 -31.84 21.18
CA VAL B 365 22.31 -32.98 21.83
C VAL B 365 23.81 -32.74 21.91
N SER B 366 24.43 -32.41 20.78
CA SER B 366 25.87 -32.23 20.74
C SER B 366 26.32 -31.07 21.60
N ALA B 367 25.50 -30.03 21.72
CA ALA B 367 25.87 -28.86 22.51
C ALA B 367 25.77 -29.16 24.00
N GLN B 368 24.76 -29.93 24.40
CA GLN B 368 24.71 -30.38 25.79
C GLN B 368 25.94 -31.22 26.12
N SER B 369 26.31 -32.12 25.23
CA SER B 369 27.51 -32.93 25.45
C SER B 369 28.75 -32.04 25.56
N SER B 370 28.85 -31.04 24.67
CA SER B 370 30.01 -30.16 24.69
C SER B 370 30.04 -29.30 25.94
N LEU B 371 28.88 -28.91 26.46
CA LEU B 371 28.84 -28.17 27.72
C LEU B 371 29.33 -29.03 28.87
N ASP B 372 28.90 -30.29 28.92
CA ASP B 372 29.42 -31.20 29.93
C ASP B 372 30.94 -31.33 29.80
N ALA B 373 31.43 -31.46 28.57
CA ALA B 373 32.87 -31.59 28.35
C ALA B 373 33.61 -30.33 28.78
N MET B 374 33.03 -29.16 28.54
CA MET B 374 33.67 -27.92 28.94
C MET B 374 33.70 -27.80 30.46
N GLU B 375 32.65 -28.27 31.13
CA GLU B 375 32.67 -28.30 32.59
C GLU B 375 33.80 -29.19 33.08
N ALA B 376 33.92 -30.38 32.48
CA ALA B 376 35.02 -31.28 32.84
C ALA B 376 36.37 -30.61 32.62
N GLY B 377 36.52 -29.89 31.51
CA GLY B 377 37.78 -29.23 31.23
C GLY B 377 38.10 -28.12 32.22
N TYR B 378 37.09 -27.30 32.54
CA TYR B 378 37.28 -26.26 33.55
C TYR B 378 37.69 -26.89 34.88
N SER B 379 37.11 -28.03 35.22
CA SER B 379 37.57 -28.77 36.39
C SER B 379 39.04 -29.14 36.24
N VAL B 380 39.44 -29.60 35.04
CA VAL B 380 40.82 -29.97 34.81
C VAL B 380 41.72 -28.74 34.76
N GLY B 381 41.46 -27.86 33.79
CA GLY B 381 42.26 -26.66 33.64
C GLY B 381 42.51 -26.28 32.19
N THR B 382 42.14 -27.16 31.26
CA THR B 382 42.36 -26.87 29.85
C THR B 382 41.42 -25.77 29.37
N ARG B 383 40.11 -26.03 29.44
CA ARG B 383 39.13 -25.05 29.00
C ARG B 383 38.95 -23.97 30.06
N THR B 384 38.33 -22.88 29.64
CA THR B 384 38.11 -21.72 30.50
C THR B 384 36.61 -21.47 30.65
N ILE B 385 36.27 -20.72 31.69
CA ILE B 385 34.87 -20.44 31.99
C ILE B 385 34.19 -19.73 30.83
N VAL B 386 34.95 -18.91 30.09
CA VAL B 386 34.37 -18.21 28.95
C VAL B 386 33.85 -19.22 27.94
N ASP B 387 34.62 -20.28 27.70
CA ASP B 387 34.18 -21.34 26.80
C ASP B 387 32.95 -22.03 27.33
N VAL B 388 32.89 -22.26 28.64
CA VAL B 388 31.71 -22.86 29.26
C VAL B 388 30.48 -22.02 28.98
N LEU B 389 30.58 -20.71 29.21
CA LEU B 389 29.43 -19.84 29.05
C LEU B 389 29.03 -19.70 27.59
N ASP B 390 30.03 -19.68 26.70
CA ASP B 390 29.71 -19.65 25.27
C ASP B 390 29.00 -20.92 24.85
N ALA B 391 29.41 -22.07 25.39
CA ALA B 391 28.75 -23.32 25.08
C ALA B 391 27.32 -23.31 25.59
N THR B 392 27.10 -22.77 26.80
CA THR B 392 25.76 -22.66 27.33
C THR B 392 24.88 -21.78 26.45
N THR B 393 25.41 -20.63 26.05
CA THR B 393 24.68 -19.74 25.16
C THR B 393 24.34 -20.42 23.84
N THR B 394 25.29 -21.16 23.28
CA THR B 394 25.04 -21.89 22.05
C THR B 394 23.95 -22.91 22.25
N LEU B 395 24.00 -23.65 23.34
CA LEU B 395 22.99 -24.66 23.64
C LEU B 395 21.60 -24.05 23.66
N TYR B 396 21.44 -22.95 24.40
CA TYR B 396 20.10 -22.40 24.56
C TYR B 396 19.64 -21.65 23.31
N ASN B 397 20.56 -21.07 22.55
CA ASN B 397 20.20 -20.53 21.25
C ASN B 397 19.73 -21.63 20.31
N ALA B 398 20.37 -22.79 20.38
CA ALA B 398 19.93 -23.92 19.57
C ALA B 398 18.54 -24.37 19.96
N LYS B 399 18.26 -24.41 21.26
CA LYS B 399 16.92 -24.76 21.71
C LYS B 399 15.89 -23.76 21.19
N GLN B 400 16.20 -22.47 21.27
CA GLN B 400 15.30 -21.46 20.73
C GLN B 400 15.06 -21.69 19.25
N GLN B 401 16.13 -21.94 18.49
CA GLN B 401 15.99 -22.14 17.06
C GLN B 401 15.14 -23.36 16.76
N LEU B 402 15.28 -24.41 17.57
CA LEU B 402 14.48 -25.62 17.39
C LEU B 402 13.00 -25.34 17.59
N SER B 403 12.67 -24.66 18.69
CA SER B 403 11.27 -24.32 18.95
C SER B 403 10.70 -23.46 17.82
N ASN B 404 11.44 -22.42 17.43
CA ASN B 404 10.98 -21.56 16.36
C ASN B 404 10.82 -22.33 15.06
N ALA B 405 11.67 -23.34 14.83
CA ALA B 405 11.54 -24.14 13.63
C ALA B 405 10.26 -24.96 13.64
N ARG B 406 9.93 -25.55 14.79
CA ARG B 406 8.64 -26.25 14.90
C ARG B 406 7.48 -25.32 14.57
N TYR B 407 7.45 -24.17 15.22
CA TYR B 407 6.32 -23.26 15.02
C TYR B 407 6.26 -22.77 13.58
N ASN B 408 7.42 -22.53 12.96
CA ASN B 408 7.43 -22.12 11.57
C ASN B 408 6.99 -23.25 10.65
N TYR B 409 7.28 -24.49 11.02
CA TYR B 409 6.77 -25.62 10.24
C TYR B 409 5.25 -25.61 10.23
N LEU B 410 4.66 -25.39 11.40
CA LEU B 410 3.20 -25.31 11.46
C LEU B 410 2.66 -24.17 10.60
N ILE B 411 3.27 -22.98 10.76
CA ILE B 411 2.83 -21.82 9.98
C ILE B 411 2.94 -22.09 8.49
N ASN B 412 3.97 -22.81 8.08
CA ASN B 412 4.17 -23.05 6.66
C ASN B 412 3.22 -24.11 6.11
N GLU B 413 2.89 -25.11 6.92
CA GLU B 413 1.79 -26.00 6.55
C GLU B 413 0.52 -25.20 6.29
N LEU B 414 0.23 -24.25 7.18
CA LEU B 414 -0.96 -23.43 6.99
C LEU B 414 -0.86 -22.58 5.73
N ASN B 415 0.32 -22.02 5.45
CA ASN B 415 0.48 -21.23 4.24
C ASN B 415 0.27 -22.08 3.00
N ILE B 416 0.78 -23.31 3.00
CA ILE B 416 0.48 -24.25 1.92
C ILE B 416 -1.03 -24.37 1.76
N LYS B 417 -1.72 -24.80 2.81
CA LYS B 417 -3.16 -25.00 2.71
C LYS B 417 -3.89 -23.72 2.33
N SER B 418 -3.25 -22.57 2.49
CA SER B 418 -3.86 -21.32 2.06
C SER B 418 -3.71 -21.12 0.56
N ALA B 419 -2.50 -21.31 0.04
CA ALA B 419 -2.30 -21.19 -1.41
C ALA B 419 -3.26 -22.09 -2.16
N LEU B 420 -3.50 -23.29 -1.64
CA LEU B 420 -4.46 -24.21 -2.24
C LEU B 420 -5.90 -23.76 -2.09
N GLY B 421 -6.16 -22.71 -1.31
CA GLY B 421 -7.52 -22.31 -1.04
C GLY B 421 -8.32 -23.30 -0.23
N THR B 422 -7.69 -24.32 0.34
CA THR B 422 -8.36 -25.35 1.11
C THR B 422 -8.14 -25.13 2.61
N LEU B 423 -8.11 -23.87 3.03
CA LEU B 423 -7.90 -23.52 4.42
C LEU B 423 -9.25 -23.30 5.09
N ASN B 424 -9.52 -24.06 6.15
CA ASN B 424 -10.79 -23.98 6.84
C ASN B 424 -10.60 -24.55 8.24
N GLU B 425 -11.70 -24.59 9.00
CA GLU B 425 -11.66 -25.04 10.38
C GLU B 425 -11.11 -26.45 10.52
N GLN B 426 -11.13 -27.25 9.44
CA GLN B 426 -10.65 -28.62 9.53
C GLN B 426 -9.14 -28.68 9.74
N ASP B 427 -8.40 -27.83 9.03
CA ASP B 427 -6.97 -27.76 9.24
C ASP B 427 -6.65 -27.27 10.65
N LEU B 428 -7.44 -26.33 11.15
CA LEU B 428 -7.26 -25.87 12.53
C LEU B 428 -7.54 -26.98 13.53
N ILE B 429 -8.48 -27.88 13.21
CA ILE B 429 -8.73 -29.01 14.11
C ILE B 429 -7.56 -29.97 14.08
N ALA B 430 -7.06 -30.27 12.88
CA ALA B 430 -5.86 -31.10 12.76
C ALA B 430 -4.72 -30.51 13.58
N LEU B 431 -4.58 -29.19 13.57
CA LEU B 431 -3.56 -28.53 14.37
C LEU B 431 -3.84 -28.69 15.86
N ASN B 432 -5.04 -28.30 16.30
CA ASN B 432 -5.37 -28.34 17.72
C ASN B 432 -5.16 -29.72 18.29
N ASN B 433 -5.36 -30.76 17.47
CA ASN B 433 -5.04 -32.11 17.91
C ASN B 433 -3.61 -32.19 18.41
N THR B 434 -2.72 -31.37 17.81
CA THR B 434 -1.33 -31.36 18.23
C THR B 434 -1.17 -30.69 19.60
N LEU B 435 -1.88 -29.59 19.82
CA LEU B 435 -1.71 -28.82 21.05
C LEU B 435 -2.11 -29.65 22.26
N GLY B 436 -1.32 -29.53 23.33
CA GLY B 436 -1.52 -30.33 24.52
C GLY B 436 -1.80 -29.53 25.77
N LYS B 437 -0.86 -29.60 26.73
CA LYS B 437 -1.10 -29.01 28.03
C LYS B 437 -1.10 -27.48 27.94
N PRO B 438 -1.77 -26.82 28.87
CA PRO B 438 -1.80 -25.36 28.86
C PRO B 438 -0.57 -24.74 29.51
N ILE B 439 -0.36 -23.47 29.18
CA ILE B 439 0.76 -22.69 29.71
C ILE B 439 0.34 -21.23 29.76
N SER B 440 0.92 -20.50 30.70
CA SER B 440 0.51 -19.13 30.98
C SER B 440 1.28 -18.14 30.12
N THR B 441 0.64 -17.01 29.83
CA THR B 441 1.24 -15.91 29.11
C THR B 441 1.83 -14.87 30.06
N SER B 442 2.06 -15.23 31.31
CA SER B 442 2.52 -14.28 32.31
C SER B 442 4.01 -14.03 32.12
N ALA B 443 4.61 -13.32 33.07
CA ALA B 443 6.02 -12.96 32.97
C ALA B 443 6.55 -12.46 34.30
N GLU C 23 21.27 21.78 14.26
CA GLU C 23 20.99 23.03 15.02
C GLU C 23 20.32 22.68 16.34
N ASN C 24 19.13 22.10 16.23
CA ASN C 24 18.33 21.70 17.38
C ASN C 24 17.09 21.03 16.84
N LEU C 25 16.34 20.38 17.73
CA LEU C 25 15.13 19.68 17.32
C LEU C 25 14.00 20.66 17.04
N LEU C 26 13.85 21.68 17.89
CA LEU C 26 12.77 22.63 17.71
C LEU C 26 12.92 23.40 16.41
N GLN C 27 14.12 23.89 16.12
CA GLN C 27 14.34 24.62 14.88
C GLN C 27 14.12 23.72 13.68
N VAL C 28 14.51 22.45 13.79
CA VAL C 28 14.29 21.51 12.70
C VAL C 28 12.79 21.34 12.44
N TYR C 29 12.00 21.20 13.51
CA TYR C 29 10.57 21.06 13.31
C TYR C 29 9.97 22.33 12.73
N GLN C 30 10.48 23.50 13.12
CA GLN C 30 10.00 24.74 12.54
C GLN C 30 10.25 24.76 11.03
N GLN C 31 11.49 24.51 10.63
CA GLN C 31 11.83 24.48 9.21
C GLN C 31 10.97 23.47 8.47
N ALA C 32 10.74 22.31 9.06
CA ALA C 32 9.90 21.31 8.44
C ALA C 32 8.49 21.84 8.22
N ARG C 33 7.79 22.15 9.32
CA ARG C 33 6.44 22.68 9.24
C ARG C 33 6.33 23.79 8.21
N ILE C 34 7.39 24.58 8.04
CA ILE C 34 7.34 25.68 7.08
C ILE C 34 7.54 25.16 5.66
N SER C 35 8.33 24.11 5.48
CA SER C 35 8.74 23.66 4.16
C SER C 35 8.58 22.15 4.02
N ASN C 36 7.45 21.61 4.45
CA ASN C 36 7.18 20.20 4.20
C ASN C 36 6.03 20.08 3.21
N PRO C 37 6.20 19.33 2.13
CA PRO C 37 5.19 19.31 1.08
C PRO C 37 3.98 18.45 1.37
N ASP C 38 4.16 17.35 2.07
CA ASP C 38 3.02 16.47 2.37
C ASP C 38 1.98 17.20 3.23
N LEU C 39 2.44 17.89 4.26
CA LEU C 39 1.55 18.69 5.08
C LEU C 39 0.81 19.73 4.25
N ARG C 40 1.53 20.40 3.34
CA ARG C 40 0.90 21.40 2.49
C ARG C 40 -0.15 20.78 1.59
N LYS C 41 0.11 19.56 1.11
CA LYS C 41 -0.87 18.89 0.27
C LYS C 41 -2.13 18.54 1.07
N SER C 42 -1.95 18.07 2.30
CA SER C 42 -3.11 17.79 3.14
C SER C 42 -3.91 19.06 3.40
N ALA C 43 -3.20 20.17 3.62
CA ALA C 43 -3.89 21.45 3.81
C ALA C 43 -4.67 21.85 2.57
N ALA C 44 -4.06 21.66 1.40
CA ALA C 44 -4.73 21.95 0.14
C ALA C 44 -6.01 21.14 0.02
N ASP C 45 -5.94 19.85 0.32
CA ASP C 45 -7.13 19.01 0.24
C ASP C 45 -8.21 19.48 1.22
N ARG C 46 -7.80 19.84 2.43
CA ARG C 46 -8.74 20.37 3.41
C ARG C 46 -9.48 21.58 2.86
N ASP C 47 -8.74 22.54 2.32
CA ASP C 47 -9.37 23.75 1.80
C ASP C 47 -10.24 23.44 0.59
N ALA C 48 -9.79 22.50 -0.24
CA ALA C 48 -10.59 22.10 -1.39
C ALA C 48 -11.93 21.54 -0.95
N ALA C 49 -11.94 20.78 0.14
CA ALA C 49 -13.21 20.26 0.66
C ALA C 49 -14.07 21.39 1.21
N PHE C 50 -13.48 22.29 1.99
CA PHE C 50 -14.24 23.40 2.53
C PHE C 50 -14.81 24.30 1.44
N GLU C 51 -14.26 24.24 0.23
CA GLU C 51 -14.85 24.96 -0.90
C GLU C 51 -15.86 24.11 -1.68
N LYS C 52 -15.61 22.81 -1.78
CA LYS C 52 -16.62 21.92 -2.31
C LYS C 52 -17.91 22.06 -1.55
N ILE C 53 -17.83 22.49 -0.29
CA ILE C 53 -19.04 22.82 0.47
C ILE C 53 -19.89 23.82 -0.31
N ASN C 54 -19.30 24.94 -0.70
CA ASN C 54 -20.05 25.93 -1.46
C ASN C 54 -20.47 25.40 -2.82
N GLU C 55 -19.59 24.62 -3.46
CA GLU C 55 -19.97 24.02 -4.73
C GLU C 55 -21.23 23.19 -4.61
N ALA C 56 -21.43 22.55 -3.45
CA ALA C 56 -22.63 21.75 -3.24
C ALA C 56 -23.80 22.58 -2.76
N ARG C 57 -23.53 23.71 -2.10
CA ARG C 57 -24.60 24.61 -1.73
C ARG C 57 -25.20 25.30 -2.95
N SER C 58 -24.42 25.45 -4.01
CA SER C 58 -24.85 26.14 -5.22
C SER C 58 -26.27 25.78 -5.65
N PRO C 59 -26.55 24.51 -5.97
CA PRO C 59 -27.85 24.18 -6.56
C PRO C 59 -29.05 24.66 -5.76
N LEU C 60 -28.92 24.76 -4.44
CA LEU C 60 -30.01 25.28 -3.64
C LEU C 60 -30.24 26.76 -3.84
N LEU C 61 -29.37 27.43 -4.56
CA LEU C 61 -29.48 28.84 -4.87
C LEU C 61 -30.06 29.01 -6.26
N PRO C 62 -30.55 30.21 -6.59
CA PRO C 62 -31.07 30.45 -7.93
C PRO C 62 -30.08 30.04 -9.00
N GLN C 63 -30.61 29.56 -10.13
CA GLN C 63 -29.81 29.05 -11.22
C GLN C 63 -30.16 29.78 -12.50
N LEU C 64 -30.21 31.11 -12.42
CA LEU C 64 -30.51 31.94 -13.58
C LEU C 64 -29.65 31.53 -14.76
N GLY C 65 -30.24 31.63 -15.95
CA GLY C 65 -29.54 31.29 -17.17
C GLY C 65 -29.91 32.21 -18.31
N LEU C 66 -29.69 31.77 -19.54
CA LEU C 66 -30.03 32.56 -20.72
C LEU C 66 -29.90 31.66 -21.94
N GLY C 67 -30.88 31.75 -22.83
CA GLY C 67 -30.87 30.94 -24.03
C GLY C 67 -31.36 31.74 -25.23
N ALA C 68 -31.13 31.17 -26.40
CA ALA C 68 -31.50 31.81 -27.66
C ALA C 68 -31.68 30.73 -28.71
N ASP C 69 -32.13 31.14 -29.88
CA ASP C 69 -32.42 30.20 -30.94
C ASP C 69 -32.69 30.96 -32.23
N TYR C 70 -32.37 30.30 -33.35
CA TYR C 70 -32.67 30.83 -34.68
C TYR C 70 -32.88 29.64 -35.60
N THR C 71 -34.14 29.30 -35.83
CA THR C 71 -34.50 28.16 -36.68
C THR C 71 -35.02 28.64 -38.03
N TYR C 72 -34.93 27.75 -39.02
CA TYR C 72 -35.49 27.97 -40.34
C TYR C 72 -36.26 26.72 -40.73
N THR C 73 -37.53 26.69 -40.37
CA THR C 73 -38.38 25.54 -40.65
C THR C 73 -38.78 25.54 -42.13
N SER C 74 -38.93 24.34 -42.67
CA SER C 74 -39.37 24.16 -44.05
C SER C 74 -40.49 23.13 -44.13
N GLY C 75 -40.85 22.73 -45.35
CA GLY C 75 -41.88 21.73 -45.55
C GLY C 75 -41.44 20.63 -46.48
N PHE C 76 -41.39 19.39 -45.97
CA PHE C 76 -40.94 18.28 -46.78
C PHE C 76 -42.08 17.68 -47.60
N ARG C 77 -43.28 17.63 -47.04
CA ARG C 77 -44.45 17.14 -47.75
C ARG C 77 -45.70 17.51 -46.98
N ASP C 78 -46.69 18.03 -47.69
CA ASP C 78 -47.97 18.55 -47.19
C ASP C 78 -47.79 19.91 -46.51
N TYR C 79 -46.56 20.37 -46.31
CA TYR C 79 -46.29 21.70 -45.78
C TYR C 79 -45.40 22.49 -46.74
N LYS C 80 -45.33 22.06 -47.99
CA LYS C 80 -44.44 22.69 -48.96
C LYS C 80 -44.73 24.18 -49.06
N ASP C 81 -43.67 24.97 -49.18
CA ASP C 81 -43.76 26.42 -49.30
C ASP C 81 -44.32 27.07 -48.05
N GLN C 82 -44.31 26.36 -46.93
CA GLN C 82 -44.68 26.91 -45.63
C GLN C 82 -43.42 26.90 -44.76
N ASN C 83 -42.62 27.94 -44.89
CA ASN C 83 -41.35 28.05 -44.20
C ASN C 83 -41.50 28.97 -42.99
N SER C 84 -40.39 29.26 -42.32
CA SER C 84 -40.39 30.13 -41.17
C SER C 84 -38.97 30.56 -40.85
N ASN C 85 -38.86 31.60 -40.03
CA ASN C 85 -37.56 32.12 -39.61
C ASN C 85 -37.76 32.69 -38.21
N VAL C 86 -37.47 31.88 -37.22
CA VAL C 86 -37.67 32.23 -35.82
C VAL C 86 -36.38 32.80 -35.26
N THR C 87 -36.52 33.73 -34.31
CA THR C 87 -35.39 34.29 -33.56
C THR C 87 -35.87 34.42 -32.12
N SER C 88 -35.63 33.39 -31.32
CA SER C 88 -36.16 33.31 -29.98
C SER C 88 -35.09 33.58 -28.94
N GLY C 89 -35.52 34.13 -27.80
CA GLY C 89 -34.65 34.32 -26.66
C GLY C 89 -35.33 33.87 -25.39
N SER C 90 -34.56 33.80 -24.32
CA SER C 90 -35.08 33.33 -23.06
C SER C 90 -34.13 33.69 -21.94
N LEU C 91 -34.71 33.95 -20.77
CA LEU C 91 -33.99 34.29 -19.55
C LEU C 91 -34.40 33.36 -18.42
N GLN C 92 -34.42 32.07 -18.72
CA GLN C 92 -34.89 31.07 -17.77
C GLN C 92 -34.25 31.25 -16.41
N LEU C 93 -35.06 31.16 -15.37
CA LEU C 93 -34.61 31.19 -13.99
C LEU C 93 -35.17 29.98 -13.27
N THR C 94 -34.43 29.52 -12.28
CA THR C 94 -34.80 28.31 -11.54
C THR C 94 -34.50 28.52 -10.07
N GLN C 95 -35.16 27.72 -9.24
CA GLN C 95 -35.00 27.77 -7.80
C GLN C 95 -35.62 26.52 -7.21
N VAL C 96 -35.06 26.08 -6.09
CA VAL C 96 -35.46 24.83 -5.46
C VAL C 96 -36.01 25.14 -4.08
N LEU C 97 -37.27 24.79 -3.87
CA LEU C 97 -37.95 25.04 -2.59
C LEU C 97 -37.98 23.82 -1.69
N PHE C 98 -37.87 22.62 -2.25
CA PHE C 98 -37.86 21.40 -1.44
C PHE C 98 -37.15 20.31 -2.23
N ASP C 99 -35.89 20.07 -1.88
CA ASP C 99 -35.12 18.97 -2.48
C ASP C 99 -34.15 18.49 -1.41
N MET C 100 -34.54 17.43 -0.71
CA MET C 100 -33.76 16.97 0.43
C MET C 100 -32.45 16.30 0.01
N SER C 101 -32.37 15.79 -1.22
CA SER C 101 -31.13 15.16 -1.66
C SER C 101 -29.98 16.16 -1.67
N LYS C 102 -30.23 17.37 -2.16
CA LYS C 102 -29.19 18.38 -2.20
C LYS C 102 -28.79 18.83 -0.80
N TRP C 103 -29.76 19.00 0.09
CA TRP C 103 -29.46 19.34 1.47
C TRP C 103 -28.57 18.28 2.11
N ARG C 104 -28.90 17.01 1.88
CA ARG C 104 -28.10 15.94 2.45
C ARG C 104 -26.72 15.87 1.83
N ALA C 105 -26.60 16.17 0.54
CA ALA C 105 -25.27 16.24 -0.07
C ALA C 105 -24.45 17.35 0.57
N LEU C 106 -25.07 18.49 0.86
CA LEU C 106 -24.37 19.57 1.52
C LEU C 106 -23.87 19.13 2.89
N THR C 107 -24.72 18.48 3.67
CA THR C 107 -24.30 18.00 4.98
C THR C 107 -23.18 16.97 4.85
N LEU C 108 -23.29 16.09 3.86
CA LEU C 108 -22.24 15.11 3.60
C LEU C 108 -20.91 15.79 3.32
N GLN C 109 -20.92 16.85 2.53
CA GLN C 109 -19.68 17.54 2.22
C GLN C 109 -19.12 18.22 3.45
N GLU C 110 -19.98 18.75 4.30
CA GLU C 110 -19.50 19.31 5.57
C GLU C 110 -18.80 18.24 6.41
N LYS C 111 -19.38 17.04 6.46
CA LYS C 111 -18.77 15.97 7.24
C LYS C 111 -17.45 15.52 6.62
N ALA C 112 -17.39 15.45 5.29
CA ALA C 112 -16.13 15.12 4.64
C ALA C 112 -15.06 16.18 4.89
N ALA C 113 -15.47 17.44 4.97
CA ALA C 113 -14.52 18.48 5.35
C ALA C 113 -13.99 18.27 6.75
N GLY C 114 -14.86 17.91 7.69
CA GLY C 114 -14.38 17.56 9.02
C GLY C 114 -13.40 16.42 8.99
N ILE C 115 -13.68 15.40 8.17
CA ILE C 115 -12.78 14.26 8.04
C ILE C 115 -11.42 14.71 7.53
N GLN C 116 -11.41 15.57 6.51
CA GLN C 116 -10.15 16.04 5.96
C GLN C 116 -9.39 16.90 6.97
N ASP C 117 -10.10 17.65 7.81
CA ASP C 117 -9.43 18.37 8.88
C ASP C 117 -8.75 17.41 9.84
N VAL C 118 -9.45 16.33 10.20
CA VAL C 118 -8.84 15.32 11.06
C VAL C 118 -7.59 14.74 10.40
N THR C 119 -7.65 14.50 9.09
CA THR C 119 -6.50 13.97 8.39
C THR C 119 -5.34 14.96 8.39
N TYR C 120 -5.64 16.25 8.27
CA TYR C 120 -4.60 17.26 8.39
C TYR C 120 -3.94 17.22 9.76
N GLN C 121 -4.72 17.08 10.82
CA GLN C 121 -4.15 16.93 12.15
C GLN C 121 -3.24 15.71 12.22
N THR C 122 -3.71 14.59 11.66
CA THR C 122 -2.92 13.37 11.65
C THR C 122 -1.60 13.58 10.92
N ASP C 123 -1.63 14.34 9.83
CA ASP C 123 -0.40 14.60 9.09
C ASP C 123 0.55 15.49 9.87
N GLN C 124 0.01 16.46 10.62
CA GLN C 124 0.84 17.24 11.53
C GLN C 124 1.57 16.33 12.51
N GLN C 125 0.83 15.43 13.17
CA GLN C 125 1.45 14.52 14.11
C GLN C 125 2.50 13.65 13.43
N THR C 126 2.16 13.10 12.27
CA THR C 126 3.10 12.24 11.55
C THR C 126 4.36 13.01 11.20
N LEU C 127 4.24 14.29 10.85
CA LEU C 127 5.41 15.09 10.54
C LEU C 127 6.29 15.25 11.76
N ILE C 128 5.70 15.63 12.89
CA ILE C 128 6.49 15.76 14.12
C ILE C 128 7.23 14.47 14.40
N LEU C 129 6.52 13.35 14.30
CA LEU C 129 7.09 12.06 14.68
C LEU C 129 8.20 11.66 13.73
N ASN C 130 8.01 11.85 12.42
CA ASN C 130 9.03 11.46 11.45
C ASN C 130 10.25 12.35 11.58
N THR C 131 10.06 13.65 11.84
CA THR C 131 11.19 14.53 12.05
C THR C 131 12.02 14.09 13.25
N ALA C 132 11.35 13.81 14.37
CA ALA C 132 12.07 13.36 15.54
C ALA C 132 12.77 12.02 15.29
N THR C 133 12.08 11.10 14.64
CA THR C 133 12.68 9.81 14.32
C THR C 133 13.95 9.98 13.51
N ALA C 134 13.92 10.84 12.49
CA ALA C 134 15.10 11.04 11.66
C ALA C 134 16.23 11.71 12.43
N TYR C 135 15.90 12.73 13.22
CA TYR C 135 16.89 13.37 14.06
C TYR C 135 17.61 12.36 14.94
N PHE C 136 16.84 11.52 15.64
CA PHE C 136 17.45 10.58 16.57
C PHE C 136 18.13 9.43 15.85
N LYS C 137 17.66 9.06 14.67
CA LYS C 137 18.40 8.10 13.86
C LYS C 137 19.78 8.64 13.49
N VAL C 138 19.84 9.91 13.09
CA VAL C 138 21.12 10.52 12.78
C VAL C 138 22.02 10.51 14.00
N LEU C 139 21.47 10.87 15.16
CA LEU C 139 22.28 10.93 16.37
C LEU C 139 22.79 9.55 16.76
N ALA C 140 21.93 8.53 16.66
CA ALA C 140 22.36 7.18 16.97
C ALA C 140 23.43 6.71 16.00
N ALA C 141 23.31 7.10 14.74
CA ALA C 141 24.35 6.77 13.77
C ALA C 141 25.67 7.40 14.15
N ILE C 142 25.64 8.67 14.57
CA ILE C 142 26.87 9.34 14.99
C ILE C 142 27.49 8.59 16.17
N ASP C 143 26.67 8.25 17.16
CA ASP C 143 27.19 7.57 18.34
C ASP C 143 27.77 6.21 17.98
N THR C 144 27.07 5.47 17.11
CA THR C 144 27.55 4.17 16.68
C THR C 144 28.88 4.28 15.94
N LEU C 145 28.98 5.25 15.04
CA LEU C 145 30.23 5.47 14.32
C LEU C 145 31.36 5.80 15.28
N SER C 146 31.09 6.65 16.27
CA SER C 146 32.13 7.01 17.22
C SER C 146 32.58 5.81 18.04
N TYR C 147 31.63 4.99 18.49
CA TYR C 147 32.00 3.82 19.27
C TYR C 147 32.75 2.80 18.42
N THR C 148 32.40 2.69 17.14
CA THR C 148 33.13 1.79 16.26
C THR C 148 34.54 2.27 16.02
N GLU C 149 34.72 3.58 15.84
CA GLU C 149 36.07 4.13 15.70
C GLU C 149 36.88 3.91 16.96
N ALA C 150 36.25 4.06 18.13
CA ALA C 150 36.95 3.79 19.37
C ALA C 150 37.35 2.33 19.48
N GLN C 151 36.46 1.43 19.07
CA GLN C 151 36.77 0.00 19.04
C GLN C 151 37.97 -0.26 18.14
N LYS C 152 37.97 0.34 16.96
CA LYS C 152 39.09 0.19 16.04
C LYS C 152 40.38 0.69 16.68
N GLN C 153 40.33 1.83 17.36
CA GLN C 153 41.53 2.38 17.98
C GLN C 153 42.06 1.47 19.07
N ALA C 154 41.16 0.90 19.89
CA ALA C 154 41.61 -0.02 20.93
C ALA C 154 42.22 -1.27 20.32
N ILE C 155 41.58 -1.82 19.29
CA ILE C 155 42.13 -2.99 18.63
C ILE C 155 43.50 -2.68 18.07
N TYR C 156 43.68 -1.50 17.49
CA TYR C 156 44.98 -1.13 16.93
C TYR C 156 46.02 -0.96 18.03
N ARG C 157 45.63 -0.43 19.18
CA ARG C 157 46.56 -0.32 20.29
C ARG C 157 47.05 -1.69 20.71
N GLN C 158 46.13 -2.63 20.88
CA GLN C 158 46.54 -3.98 21.26
C GLN C 158 47.40 -4.62 20.19
N LEU C 159 47.05 -4.39 18.92
CA LEU C 159 47.81 -4.96 17.82
C LEU C 159 49.22 -4.40 17.78
N ASP C 160 49.38 -3.11 18.03
CA ASP C 160 50.71 -2.51 18.03
C ASP C 160 51.53 -3.00 19.22
N GLN C 161 50.90 -3.12 20.39
CA GLN C 161 51.60 -3.69 21.54
C GLN C 161 52.12 -5.08 21.21
N THR C 162 51.25 -5.92 20.62
CA THR C 162 51.67 -7.27 20.27
C THR C 162 52.76 -7.26 19.20
N THR C 163 52.66 -6.35 18.23
CA THR C 163 53.66 -6.27 17.18
C THR C 163 55.02 -5.92 17.76
N GLN C 164 55.07 -4.97 18.69
CA GLN C 164 56.34 -4.60 19.30
C GLN C 164 56.87 -5.74 20.16
N ARG C 165 56.01 -6.35 20.98
CA ARG C 165 56.45 -7.45 21.82
C ARG C 165 56.86 -8.67 20.99
N PHE C 166 56.44 -8.73 19.74
CA PHE C 166 56.91 -9.79 18.86
C PHE C 166 58.23 -9.42 18.20
N ASN C 167 58.37 -8.15 17.80
CA ASN C 167 59.64 -7.68 17.27
C ASN C 167 60.76 -7.86 18.28
N VAL C 168 60.46 -7.73 19.58
CA VAL C 168 61.48 -7.98 20.59
C VAL C 168 61.64 -9.47 20.84
N GLY C 169 60.57 -10.24 20.74
CA GLY C 169 60.66 -11.68 20.86
C GLY C 169 59.85 -12.28 21.99
N LEU C 170 58.77 -11.60 22.41
CA LEU C 170 57.91 -12.07 23.48
C LEU C 170 56.66 -12.76 22.96
N VAL C 171 55.87 -12.06 22.16
CA VAL C 171 54.61 -12.59 21.64
C VAL C 171 54.88 -13.24 20.29
N ALA C 172 54.01 -14.16 19.91
CA ALA C 172 54.14 -14.90 18.66
C ALA C 172 53.29 -14.27 17.56
N ILE C 173 53.60 -14.64 16.33
CA ILE C 173 52.88 -14.15 15.15
C ILE C 173 51.40 -14.47 15.26
N THR C 174 51.05 -15.49 16.04
CA THR C 174 49.65 -15.90 16.16
C THR C 174 48.79 -14.74 16.65
N ASP C 175 49.19 -14.12 17.76
CA ASP C 175 48.42 -13.01 18.31
C ASP C 175 48.35 -11.86 17.32
N VAL C 176 49.47 -11.58 16.64
CA VAL C 176 49.50 -10.51 15.66
C VAL C 176 48.43 -10.75 14.59
N GLN C 177 48.36 -11.98 14.09
CA GLN C 177 47.43 -12.28 13.02
C GLN C 177 45.98 -12.22 13.50
N ASN C 178 45.73 -12.72 14.72
CA ASN C 178 44.38 -12.62 15.28
C ASN C 178 43.95 -11.16 15.36
N ALA C 179 44.82 -10.32 15.92
CA ALA C 179 44.49 -8.90 16.04
C ALA C 179 44.28 -8.27 14.68
N ARG C 180 45.08 -8.66 13.69
CA ARG C 180 44.92 -8.12 12.35
C ARG C 180 43.54 -8.46 11.78
N SER C 181 43.12 -9.71 11.98
CA SER C 181 41.79 -10.12 11.50
C SER C 181 40.71 -9.29 12.15
N GLN C 182 40.76 -9.17 13.48
CA GLN C 182 39.75 -8.39 14.17
C GLN C 182 39.75 -6.94 13.69
N TYR C 183 40.93 -6.38 13.49
CA TYR C 183 41.03 -5.00 13.00
C TYR C 183 40.37 -4.84 11.65
N ASP C 184 40.58 -5.80 10.75
CA ASP C 184 39.97 -5.71 9.43
C ASP C 184 38.44 -5.78 9.51
N ALA C 185 37.93 -6.69 10.34
CA ALA C 185 36.49 -6.76 10.52
C ALA C 185 35.93 -5.44 11.05
N VAL C 186 36.63 -4.83 12.01
CA VAL C 186 36.18 -3.57 12.55
C VAL C 186 36.21 -2.49 11.47
N LEU C 187 37.20 -2.53 10.59
CA LEU C 187 37.26 -1.57 9.49
C LEU C 187 36.01 -1.68 8.61
N ALA C 188 35.62 -2.90 8.28
CA ALA C 188 34.43 -3.10 7.46
C ALA C 188 33.19 -2.55 8.17
N ASN C 189 33.05 -2.86 9.47
CA ASN C 189 31.90 -2.37 10.20
C ASN C 189 31.90 -0.84 10.25
N GLU C 190 33.07 -0.24 10.35
CA GLU C 190 33.16 1.22 10.36
C GLU C 190 32.69 1.80 9.05
N VAL C 191 33.09 1.19 7.94
CA VAL C 191 32.61 1.63 6.63
C VAL C 191 31.09 1.60 6.60
N THR C 192 30.50 0.48 7.02
CA THR C 192 29.05 0.39 7.03
C THR C 192 28.42 1.49 7.87
N ALA C 193 28.99 1.76 9.04
CA ALA C 193 28.43 2.79 9.92
C ALA C 193 28.49 4.16 9.27
N ARG C 194 29.60 4.46 8.60
CA ARG C 194 29.73 5.76 7.94
C ARG C 194 28.69 5.93 6.85
N ASN C 195 28.50 4.88 6.04
CA ASN C 195 27.45 4.95 5.02
C ASN C 195 26.08 5.17 5.64
N ASP C 196 25.78 4.44 6.72
CA ASP C 196 24.49 4.59 7.37
C ASP C 196 24.29 6.01 7.87
N LEU C 197 25.34 6.60 8.46
CA LEU C 197 25.24 7.97 8.95
C LEU C 197 24.94 8.94 7.82
N ASP C 198 25.66 8.81 6.70
CA ASP C 198 25.43 9.72 5.58
C ASP C 198 24.01 9.59 5.04
N ASN C 199 23.55 8.35 4.87
CA ASN C 199 22.19 8.16 4.36
C ASN C 199 21.15 8.68 5.35
N ALA C 200 21.43 8.60 6.64
CA ALA C 200 20.50 9.15 7.63
C ALA C 200 20.44 10.66 7.54
N VAL C 201 21.59 11.31 7.34
CA VAL C 201 21.58 12.76 7.12
C VAL C 201 20.77 13.09 5.88
N GLU C 202 20.88 12.27 4.84
CA GLU C 202 20.13 12.53 3.62
C GLU C 202 18.63 12.41 3.85
N GLU C 203 18.22 11.43 4.65
CA GLU C 203 16.81 11.31 4.98
C GLU C 203 16.33 12.51 5.80
N LEU C 204 17.14 12.94 6.77
CA LEU C 204 16.82 14.14 7.51
C LEU C 204 16.61 15.33 6.58
N ARG C 205 17.47 15.45 5.56
CA ARG C 205 17.30 16.51 4.58
C ARG C 205 15.98 16.35 3.84
N GLN C 206 15.71 15.14 3.35
CA GLN C 206 14.45 14.87 2.66
C GLN C 206 13.25 15.30 3.49
N VAL C 207 13.36 15.16 4.81
CA VAL C 207 12.25 15.56 5.68
C VAL C 207 12.20 17.08 5.81
N THR C 208 13.30 17.70 6.23
CA THR C 208 13.29 19.13 6.49
C THR C 208 13.47 19.93 5.21
N GLY C 209 14.60 19.77 4.54
CA GLY C 209 14.89 20.50 3.33
C GLY C 209 16.33 20.96 3.24
N ASN C 210 16.97 21.16 4.38
CA ASN C 210 18.34 21.62 4.45
C ASN C 210 19.24 20.54 5.01
N TYR C 211 20.54 20.67 4.71
CA TYR C 211 21.55 19.78 5.24
C TYR C 211 22.08 20.36 6.55
N TYR C 212 22.14 19.53 7.59
CA TYR C 212 22.55 19.97 8.91
C TYR C 212 23.92 19.42 9.24
N PRO C 213 24.98 20.24 9.22
CA PRO C 213 26.31 19.73 9.55
C PRO C 213 26.55 19.62 11.05
N GLU C 214 25.81 20.35 11.87
CA GLU C 214 25.94 20.29 13.31
C GLU C 214 24.55 20.15 13.92
N LEU C 215 24.34 19.06 14.65
CA LEU C 215 23.09 18.81 15.34
C LEU C 215 23.31 18.95 16.84
N ALA C 216 22.22 18.87 17.60
CA ALA C 216 22.30 18.98 19.05
C ALA C 216 22.33 17.58 19.63
N SER C 217 23.36 17.29 20.41
CA SER C 217 23.60 15.94 20.91
C SER C 217 22.71 15.67 22.12
N LEU C 218 22.99 14.59 22.82
CA LEU C 218 22.26 14.19 24.01
C LEU C 218 23.06 14.50 25.26
N ASN C 219 22.36 14.82 26.34
CA ASN C 219 22.98 15.12 27.62
C ASN C 219 22.79 13.92 28.54
N VAL C 220 23.69 12.95 28.40
CA VAL C 220 23.60 11.73 29.20
C VAL C 220 23.94 12.02 30.65
N ASP C 221 24.75 13.04 30.92
CA ASP C 221 25.10 13.37 32.29
C ASP C 221 23.88 13.74 33.12
N GLY C 222 22.77 14.07 32.47
CA GLY C 222 21.54 14.39 33.17
C GLY C 222 20.34 13.68 32.58
N PHE C 223 20.59 12.73 31.67
CA PHE C 223 19.52 11.96 31.09
C PHE C 223 18.85 11.10 32.14
N LYS C 224 17.52 11.09 32.13
CA LYS C 224 16.75 10.31 33.08
C LYS C 224 15.45 9.87 32.44
N THR C 225 14.90 8.77 32.94
CA THR C 225 13.68 8.17 32.42
C THR C 225 12.57 8.29 33.44
N SER C 226 11.40 8.70 32.99
CA SER C 226 10.22 8.85 33.83
C SER C 226 9.19 7.79 33.48
N LYS C 227 8.74 7.06 34.49
CA LYS C 227 7.74 6.03 34.27
C LYS C 227 6.48 6.67 33.68
N PRO C 228 5.95 6.14 32.59
CA PRO C 228 4.74 6.72 32.00
C PRO C 228 3.55 6.58 32.94
N GLN C 229 2.45 7.23 32.55
CA GLN C 229 1.27 7.23 33.39
C GLN C 229 0.49 5.94 33.20
N ALA C 230 -0.51 5.75 34.06
CA ALA C 230 -1.28 4.52 34.08
C ALA C 230 -1.82 4.21 32.70
N VAL C 231 -1.84 2.92 32.36
CA VAL C 231 -2.25 2.52 31.02
C VAL C 231 -3.76 2.74 30.82
N ASN C 232 -4.55 2.59 31.88
CA ASN C 232 -5.99 2.80 31.74
C ASN C 232 -6.29 4.27 31.44
N ALA C 233 -5.59 5.19 32.10
CA ALA C 233 -5.76 6.60 31.78
C ALA C 233 -5.32 6.89 30.35
N LEU C 234 -4.24 6.26 29.90
CA LEU C 234 -3.81 6.40 28.52
C LEU C 234 -4.91 5.94 27.57
N LEU C 235 -5.57 4.84 27.91
CA LEU C 235 -6.60 4.31 27.02
C LEU C 235 -7.82 5.22 26.98
N LYS C 236 -8.21 5.76 28.12
CA LYS C 236 -9.30 6.73 28.15
C LYS C 236 -8.97 7.93 27.29
N GLU C 237 -7.80 8.55 27.54
CA GLU C 237 -7.40 9.71 26.76
C GLU C 237 -7.30 9.38 25.28
N ALA C 238 -6.96 8.15 24.95
CA ALA C 238 -6.83 7.76 23.54
C ALA C 238 -8.20 7.65 22.89
N GLU C 239 -9.08 6.83 23.46
CA GLU C 239 -10.42 6.69 22.91
C GLU C 239 -11.17 8.01 22.93
N ASN C 240 -10.69 9.01 23.67
CA ASN C 240 -11.31 10.33 23.64
C ASN C 240 -10.67 11.26 22.60
N ARG C 241 -9.35 11.16 22.39
CA ARG C 241 -8.63 12.16 21.61
C ARG C 241 -7.82 11.58 20.45
N ASN C 242 -7.87 10.29 20.21
CA ASN C 242 -7.13 9.73 19.09
C ASN C 242 -7.73 10.20 17.78
N LEU C 243 -6.95 10.09 16.71
CA LEU C 243 -7.33 10.64 15.42
C LEU C 243 -7.92 9.60 14.48
N SER C 244 -7.36 8.41 14.42
CA SER C 244 -7.94 7.37 13.59
C SER C 244 -9.32 6.98 14.09
N LEU C 245 -9.47 6.86 15.41
CA LEU C 245 -10.76 6.56 16.01
C LEU C 245 -11.78 7.67 15.71
N LEU C 246 -11.35 8.92 15.83
CA LEU C 246 -12.22 10.05 15.52
C LEU C 246 -12.65 10.02 14.06
N GLN C 247 -11.71 9.74 13.17
CA GLN C 247 -12.04 9.62 11.75
C GLN C 247 -13.04 8.50 11.52
N ALA C 248 -12.89 7.39 12.23
CA ALA C 248 -13.80 6.27 12.07
C ALA C 248 -15.21 6.62 12.49
N ARG C 249 -15.35 7.28 13.64
CA ARG C 249 -16.69 7.65 14.08
C ARG C 249 -17.29 8.74 13.19
N LEU C 250 -16.46 9.63 12.67
CA LEU C 250 -16.95 10.60 11.70
C LEU C 250 -17.46 9.90 10.44
N ASN C 251 -16.76 8.88 9.98
CA ASN C 251 -17.23 8.10 8.84
C ASN C 251 -18.52 7.36 9.16
N GLN C 252 -18.68 6.90 10.39
CA GLN C 252 -19.94 6.30 10.81
C GLN C 252 -21.09 7.29 10.68
N ASP C 253 -20.89 8.51 11.20
CA ASP C 253 -21.92 9.53 11.06
C ASP C 253 -22.19 9.85 9.59
N LEU C 254 -21.13 9.88 8.78
CA LEU C 254 -21.29 10.08 7.35
C LEU C 254 -22.17 9.01 6.73
N ALA C 255 -21.99 7.76 7.15
CA ALA C 255 -22.81 6.68 6.63
C ALA C 255 -24.26 6.83 7.05
N ARG C 256 -24.49 7.28 8.30
CA ARG C 256 -25.86 7.58 8.72
C ARG C 256 -26.49 8.61 7.81
N GLU C 257 -25.77 9.70 7.55
CA GLU C 257 -26.29 10.74 6.68
C GLU C 257 -26.51 10.22 5.27
N GLN C 258 -25.70 9.26 4.82
CA GLN C 258 -25.94 8.65 3.52
C GLN C 258 -27.22 7.84 3.51
N ILE C 259 -27.49 7.11 4.60
CA ILE C 259 -28.76 6.41 4.73
C ILE C 259 -29.91 7.39 4.56
N ARG C 260 -29.83 8.53 5.25
CA ARG C 260 -30.91 9.50 5.16
C ARG C 260 -31.02 10.07 3.74
N GLN C 261 -29.87 10.32 3.11
CA GLN C 261 -29.87 10.79 1.73
C GLN C 261 -30.61 9.83 0.82
N ALA C 262 -30.35 8.53 0.97
CA ALA C 262 -31.04 7.54 0.15
C ALA C 262 -32.52 7.50 0.47
N GLN C 263 -32.87 7.49 1.76
CA GLN C 263 -34.27 7.53 2.14
C GLN C 263 -34.99 8.70 1.49
N ASP C 264 -34.29 9.81 1.28
CA ASP C 264 -34.92 11.00 0.72
C ASP C 264 -35.33 10.82 -0.74
N GLY C 265 -34.98 9.70 -1.37
CA GLY C 265 -35.40 9.46 -2.73
C GLY C 265 -36.91 9.28 -2.87
N HIS C 266 -37.58 8.89 -1.80
CA HIS C 266 -39.03 8.73 -1.83
C HIS C 266 -39.76 10.07 -1.87
N LEU C 267 -39.08 11.17 -1.69
CA LEU C 267 -39.73 12.44 -1.44
C LEU C 267 -39.86 13.26 -2.71
N PRO C 268 -40.77 14.21 -2.73
CA PRO C 268 -40.98 15.04 -3.92
C PRO C 268 -39.87 16.05 -4.15
N THR C 269 -40.04 16.89 -5.16
CA THR C 269 -39.02 17.88 -5.53
C THR C 269 -39.72 19.04 -6.24
N LEU C 270 -39.93 20.13 -5.52
CA LEU C 270 -40.46 21.34 -6.13
C LEU C 270 -39.36 22.10 -6.85
N ASP C 271 -39.77 22.95 -7.78
CA ASP C 271 -38.84 23.74 -8.57
C ASP C 271 -39.59 24.95 -9.08
N LEU C 272 -39.29 26.13 -8.53
CA LEU C 272 -39.94 27.36 -8.96
C LEU C 272 -39.27 27.82 -10.24
N ASN C 273 -39.92 27.53 -11.37
CA ASN C 273 -39.43 27.97 -12.66
C ASN C 273 -39.81 29.44 -12.89
N ALA C 274 -39.29 29.99 -13.98
CA ALA C 274 -39.56 31.36 -14.37
C ALA C 274 -38.86 31.62 -15.68
N SER C 275 -39.32 32.65 -16.39
CA SER C 275 -38.79 32.96 -17.71
C SER C 275 -39.22 34.35 -18.12
N SER C 276 -38.61 34.83 -19.20
CA SER C 276 -39.00 36.09 -19.84
C SER C 276 -38.99 35.89 -21.35
N GLY C 277 -39.54 34.77 -21.80
CA GLY C 277 -39.47 34.38 -23.20
C GLY C 277 -39.88 35.45 -24.19
N VAL C 278 -39.18 35.49 -25.31
CA VAL C 278 -39.48 36.41 -26.40
C VAL C 278 -39.13 35.71 -27.72
N SER C 279 -39.91 36.01 -28.76
CA SER C 279 -39.72 35.36 -30.04
C SER C 279 -40.12 36.33 -31.14
N ASN C 280 -39.56 36.10 -32.33
CA ASN C 280 -39.84 36.92 -33.52
C ASN C 280 -40.06 35.97 -34.69
N ASN C 281 -41.31 35.55 -34.88
CA ASN C 281 -41.65 34.69 -36.00
C ASN C 281 -41.81 35.51 -37.27
N ARG C 282 -41.26 34.99 -38.37
CA ARG C 282 -41.27 35.66 -39.66
C ARG C 282 -41.67 34.67 -40.76
N TYR C 283 -42.77 33.95 -40.52
CA TYR C 283 -43.26 32.96 -41.46
C TYR C 283 -43.16 33.46 -42.90
N SER C 284 -42.55 32.64 -43.75
CA SER C 284 -42.34 32.97 -45.15
C SER C 284 -42.80 31.81 -46.02
N GLY C 285 -42.82 32.05 -47.32
CA GLY C 285 -43.26 31.06 -48.29
C GLY C 285 -44.52 31.51 -49.02
N SER C 286 -44.78 30.86 -50.15
CA SER C 286 -45.96 31.21 -50.94
C SER C 286 -47.24 30.76 -50.26
N LYS C 287 -47.32 29.45 -49.96
CA LYS C 287 -48.48 28.93 -49.24
C LYS C 287 -48.54 29.40 -47.80
N SER C 288 -47.52 30.11 -47.32
CA SER C 288 -47.50 30.60 -45.95
C SER C 288 -48.71 31.48 -45.68
N ILE C 289 -49.62 31.01 -44.83
CA ILE C 289 -50.84 31.75 -44.52
C ILE C 289 -50.79 32.37 -43.13
N SER C 290 -50.08 31.77 -42.18
CA SER C 290 -50.01 32.32 -40.85
C SER C 290 -49.45 33.74 -40.87
N GLN C 291 -49.70 34.48 -39.79
CA GLN C 291 -49.33 35.89 -39.70
C GLN C 291 -48.00 36.02 -38.95
N ASP C 292 -47.10 36.82 -39.52
CA ASP C 292 -45.84 37.10 -38.83
C ASP C 292 -46.13 37.75 -37.48
N ALA C 293 -45.51 37.21 -36.43
CA ALA C 293 -45.75 37.66 -35.07
C ALA C 293 -44.42 37.85 -34.35
N ASP C 294 -44.28 38.98 -33.66
CA ASP C 294 -43.13 39.25 -32.81
C ASP C 294 -43.68 39.40 -31.40
N ILE C 295 -43.56 38.34 -30.60
CA ILE C 295 -44.28 38.21 -29.35
C ILE C 295 -43.29 38.14 -28.18
N GLY C 296 -43.82 38.35 -26.99
CA GLY C 296 -43.06 38.22 -25.76
C GLY C 296 -43.90 37.58 -24.67
N GLN C 297 -43.37 36.51 -24.08
CA GLN C 297 -44.12 35.70 -23.12
C GLN C 297 -43.33 35.59 -21.84
N ASN C 298 -43.87 36.12 -20.75
CA ASN C 298 -43.27 36.06 -19.43
C ASN C 298 -44.14 35.18 -18.54
N LYS C 299 -43.54 34.15 -17.95
CA LYS C 299 -44.27 33.21 -17.14
C LYS C 299 -43.46 32.84 -15.91
N ILE C 300 -44.17 32.41 -14.87
CA ILE C 300 -43.56 31.98 -13.62
C ILE C 300 -44.44 30.89 -13.02
N GLY C 301 -43.86 29.70 -12.80
CA GLY C 301 -44.64 28.59 -12.31
C GLY C 301 -43.77 27.60 -11.57
N LEU C 302 -44.45 26.60 -11.01
CA LEU C 302 -43.80 25.57 -10.21
C LEU C 302 -43.69 24.28 -11.00
N SER C 303 -43.09 23.27 -10.38
CA SER C 303 -42.96 21.96 -11.02
C SER C 303 -42.80 20.93 -9.91
N PHE C 304 -43.88 20.23 -9.59
CA PHE C 304 -43.87 19.17 -8.60
C PHE C 304 -43.28 17.90 -9.21
N SER C 305 -43.07 16.90 -8.36
CA SER C 305 -42.54 15.61 -8.79
C SER C 305 -42.69 14.63 -7.65
N LEU C 306 -42.99 13.38 -7.98
CA LEU C 306 -43.22 12.37 -6.96
C LEU C 306 -43.00 10.97 -7.54
N PRO C 307 -41.82 10.40 -7.40
CA PRO C 307 -41.57 9.07 -7.97
C PRO C 307 -42.24 7.95 -7.18
N LEU C 308 -43.51 7.70 -7.49
CA LEU C 308 -44.26 6.65 -6.81
C LEU C 308 -43.48 5.34 -6.81
N TYR C 309 -43.05 4.89 -7.99
CA TYR C 309 -42.35 3.63 -8.11
C TYR C 309 -41.22 3.77 -9.12
N GLN C 310 -40.13 3.06 -8.85
CA GLN C 310 -38.97 3.08 -9.72
C GLN C 310 -38.35 1.72 -9.96
N GLY C 311 -38.96 0.64 -9.45
CA GLY C 311 -38.42 -0.70 -9.59
C GLY C 311 -37.59 -1.16 -8.42
N GLY C 312 -37.37 -0.33 -7.41
CA GLY C 312 -36.61 -0.70 -6.26
C GLY C 312 -35.30 0.04 -6.10
N MET C 313 -35.15 1.21 -6.72
CA MET C 313 -33.89 1.94 -6.62
C MET C 313 -33.69 2.47 -5.21
N VAL C 314 -34.72 3.07 -4.63
CA VAL C 314 -34.60 3.67 -3.31
C VAL C 314 -34.50 2.58 -2.25
N ASN C 315 -35.41 1.61 -2.30
CA ASN C 315 -35.41 0.52 -1.33
C ASN C 315 -34.17 -0.35 -1.42
N SER C 316 -33.34 -0.15 -2.43
CA SER C 316 -32.06 -0.84 -2.57
C SER C 316 -30.89 0.03 -2.14
N GLN C 317 -30.90 1.30 -2.53
CA GLN C 317 -29.90 2.24 -2.04
C GLN C 317 -29.93 2.31 -0.53
N VAL C 318 -31.11 2.18 0.07
CA VAL C 318 -31.22 2.24 1.52
C VAL C 318 -30.51 1.05 2.16
N LYS C 319 -30.75 -0.14 1.63
CA LYS C 319 -30.08 -1.32 2.17
C LYS C 319 -28.58 -1.24 1.95
N GLN C 320 -28.16 -0.74 0.80
CA GLN C 320 -26.74 -0.53 0.55
C GLN C 320 -26.14 0.40 1.60
N ALA C 321 -26.84 1.49 1.91
CA ALA C 321 -26.31 2.45 2.87
C ALA C 321 -26.29 1.86 4.27
N GLN C 322 -27.28 1.03 4.61
CA GLN C 322 -27.26 0.38 5.91
C GLN C 322 -26.09 -0.60 6.03
N TYR C 323 -25.81 -1.35 4.97
CA TYR C 323 -24.67 -2.25 5.01
C TYR C 323 -23.36 -1.49 5.06
N ASN C 324 -23.27 -0.35 4.39
CA ASN C 324 -22.07 0.47 4.48
C ASN C 324 -21.93 1.08 5.87
N PHE C 325 -23.05 1.39 6.53
CA PHE C 325 -23.01 1.85 7.90
C PHE C 325 -22.50 0.76 8.83
N VAL C 326 -22.93 -0.48 8.60
CA VAL C 326 -22.37 -1.62 9.33
C VAL C 326 -20.87 -1.71 9.09
N GLY C 327 -20.45 -1.53 7.83
CA GLY C 327 -19.03 -1.58 7.54
C GLY C 327 -18.25 -0.51 8.26
N ALA C 328 -18.82 0.69 8.36
CA ALA C 328 -18.15 1.77 9.07
C ALA C 328 -18.09 1.50 10.57
N SER C 329 -19.15 0.91 11.13
CA SER C 329 -19.12 0.52 12.53
C SER C 329 -18.02 -0.49 12.80
N GLU C 330 -17.86 -1.46 11.89
CA GLU C 330 -16.82 -2.45 12.07
C GLU C 330 -15.43 -1.84 11.90
N GLN C 331 -15.29 -0.90 10.95
CA GLN C 331 -14.03 -0.16 10.85
C GLN C 331 -13.74 0.58 12.15
N LEU C 332 -14.77 1.12 12.78
CA LEU C 332 -14.59 1.82 14.05
C LEU C 332 -14.09 0.86 15.13
N GLU C 333 -14.69 -0.32 15.21
CA GLU C 333 -14.22 -1.30 16.19
C GLU C 333 -12.79 -1.72 15.91
N SER C 334 -12.46 -1.93 14.62
CA SER C 334 -11.09 -2.28 14.26
C SER C 334 -10.12 -1.18 14.66
N ALA C 335 -10.52 0.08 14.50
CA ALA C 335 -9.68 1.19 14.88
C ALA C 335 -9.49 1.23 16.39
N HIS C 336 -10.55 0.94 17.14
CA HIS C 336 -10.42 0.88 18.59
C HIS C 336 -9.42 -0.20 19.00
N ARG C 337 -9.51 -1.36 18.35
CA ARG C 337 -8.58 -2.44 18.67
C ARG C 337 -7.15 -2.06 18.32
N SER C 338 -6.95 -1.48 17.15
CA SER C 338 -5.62 -1.05 16.75
C SER C 338 -5.07 -0.02 17.71
N VAL C 339 -5.93 0.88 18.20
CA VAL C 339 -5.50 1.90 19.14
C VAL C 339 -5.07 1.26 20.45
N VAL C 340 -5.85 0.31 20.95
CA VAL C 340 -5.49 -0.38 22.18
C VAL C 340 -4.15 -1.07 22.00
N GLN C 341 -3.97 -1.76 20.87
CA GLN C 341 -2.70 -2.42 20.61
C GLN C 341 -1.55 -1.43 20.61
N THR C 342 -1.72 -0.31 19.93
CA THR C 342 -0.66 0.68 19.83
C THR C 342 -0.29 1.22 21.21
N VAL C 343 -1.29 1.58 22.00
CA VAL C 343 -1.05 2.13 23.33
C VAL C 343 -0.35 1.11 24.22
N ARG C 344 -0.87 -0.11 24.27
CA ARG C 344 -0.27 -1.12 25.13
C ARG C 344 1.15 -1.43 24.70
N SER C 345 1.38 -1.55 23.39
CA SER C 345 2.72 -1.83 22.89
C SER C 345 3.68 -0.71 23.25
N SER C 346 3.24 0.54 23.10
CA SER C 346 4.11 1.66 23.40
C SER C 346 4.44 1.72 24.88
N PHE C 347 3.45 1.54 25.75
CA PHE C 347 3.71 1.47 27.17
C PHE C 347 4.70 0.37 27.51
N ASN C 348 4.47 -0.82 26.98
CA ASN C 348 5.32 -1.96 27.29
C ASN C 348 6.74 -1.73 26.83
N ASN C 349 6.92 -1.26 25.59
CA ASN C 349 8.27 -1.07 25.09
C ASN C 349 8.95 0.15 25.69
N VAL C 350 8.21 1.10 26.21
CA VAL C 350 8.82 2.17 27.01
C VAL C 350 9.43 1.59 28.28
N ASN C 351 8.62 0.84 29.03
CA ASN C 351 9.14 0.21 30.24
C ASN C 351 10.32 -0.70 29.90
N ALA C 352 10.24 -1.37 28.75
CA ALA C 352 11.33 -2.24 28.33
C ALA C 352 12.58 -1.45 28.01
N SER C 353 12.44 -0.29 27.39
CA SER C 353 13.59 0.56 27.13
C SER C 353 14.24 1.01 28.42
N ILE C 354 13.44 1.34 29.42
CA ILE C 354 14.00 1.70 30.73
C ILE C 354 14.79 0.55 31.31
N SER C 355 14.16 -0.62 31.39
CA SER C 355 14.83 -1.78 31.98
C SER C 355 16.09 -2.14 31.21
N SER C 356 16.06 -2.00 29.88
CA SER C 356 17.21 -2.32 29.06
C SER C 356 18.31 -1.29 29.22
N ILE C 357 17.95 -0.02 29.41
CA ILE C 357 18.95 0.99 29.73
C ILE C 357 19.71 0.59 30.98
N ASN C 358 18.97 0.25 32.04
CA ASN C 358 19.63 -0.14 33.28
C ASN C 358 20.50 -1.38 33.08
N ALA C 359 19.95 -2.38 32.39
CA ALA C 359 20.68 -3.62 32.17
C ALA C 359 21.97 -3.38 31.39
N TYR C 360 21.89 -2.58 30.33
CA TYR C 360 23.06 -2.33 29.50
C TYR C 360 24.06 -1.44 30.22
N LYS C 361 23.61 -0.58 31.14
CA LYS C 361 24.56 0.13 31.99
C LYS C 361 25.37 -0.85 32.82
N GLN C 362 24.68 -1.74 33.53
CA GLN C 362 25.38 -2.75 34.30
C GLN C 362 26.29 -3.59 33.40
N ALA C 363 25.84 -3.86 32.18
CA ALA C 363 26.63 -4.67 31.27
C ALA C 363 27.90 -3.95 30.84
N VAL C 364 27.80 -2.66 30.56
CA VAL C 364 28.98 -1.89 30.19
C VAL C 364 29.99 -1.88 31.34
N VAL C 365 29.51 -1.66 32.56
CA VAL C 365 30.41 -1.65 33.71
C VAL C 365 31.11 -3.00 33.83
N SER C 366 30.33 -4.07 33.83
CA SER C 366 30.90 -5.40 34.00
C SER C 366 31.84 -5.77 32.86
N ALA C 367 31.54 -5.31 31.64
CA ALA C 367 32.38 -5.63 30.50
C ALA C 367 33.69 -4.87 30.53
N GLN C 368 33.66 -3.61 30.98
CA GLN C 368 34.92 -2.90 31.19
C GLN C 368 35.77 -3.60 32.24
N SER C 369 35.15 -4.03 33.34
CA SER C 369 35.89 -4.77 34.35
C SER C 369 36.47 -6.06 33.77
N SER C 370 35.69 -6.78 32.98
CA SER C 370 36.15 -8.03 32.40
C SER C 370 37.27 -7.79 31.40
N LEU C 371 37.24 -6.68 30.67
CA LEU C 371 38.33 -6.35 29.76
C LEU C 371 39.61 -6.09 30.54
N ASP C 372 39.51 -5.34 31.63
CA ASP C 372 40.69 -5.14 32.47
C ASP C 372 41.22 -6.48 32.99
N ALA C 373 40.31 -7.36 33.40
CA ALA C 373 40.73 -8.67 33.91
C ALA C 373 41.39 -9.50 32.81
N MET C 374 40.88 -9.41 31.59
CA MET C 374 41.47 -10.16 30.48
C MET C 374 42.85 -9.61 30.15
N GLU C 375 43.03 -8.30 30.25
CA GLU C 375 44.36 -7.73 30.08
C GLU C 375 45.32 -8.27 31.13
N ALA C 376 44.87 -8.28 32.39
CA ALA C 376 45.68 -8.86 33.45
C ALA C 376 46.04 -10.31 33.16
N GLY C 377 45.08 -11.08 32.66
CA GLY C 377 45.33 -12.48 32.38
C GLY C 377 46.32 -12.66 31.24
N TYR C 378 46.16 -11.89 30.17
CA TYR C 378 47.11 -11.94 29.07
C TYR C 378 48.51 -11.60 29.56
N SER C 379 48.61 -10.64 30.48
CA SER C 379 49.89 -10.38 31.12
C SER C 379 50.39 -11.61 31.84
N VAL C 380 49.49 -12.30 32.56
CA VAL C 380 49.89 -13.50 33.28
C VAL C 380 50.17 -14.65 32.32
N GLY C 381 49.16 -15.06 31.56
CA GLY C 381 49.31 -16.15 30.61
C GLY C 381 48.10 -17.05 30.52
N THR C 382 47.13 -16.86 31.43
CA THR C 382 45.94 -17.68 31.41
C THR C 382 45.06 -17.35 30.21
N ARG C 383 44.58 -16.12 30.13
CA ARG C 383 43.73 -15.71 29.03
C ARG C 383 44.57 -15.43 27.78
N THR C 384 43.90 -15.36 26.64
CA THR C 384 44.53 -15.14 25.36
C THR C 384 44.03 -13.85 24.74
N ILE C 385 44.81 -13.34 23.78
CA ILE C 385 44.47 -12.07 23.14
C ILE C 385 43.11 -12.14 22.47
N VAL C 386 42.74 -13.33 21.97
CA VAL C 386 41.43 -13.47 21.34
C VAL C 386 40.33 -13.14 22.33
N ASP C 387 40.48 -13.61 23.57
CA ASP C 387 39.51 -13.29 24.61
C ASP C 387 39.50 -11.80 24.91
N VAL C 388 40.67 -11.17 24.91
CA VAL C 388 40.75 -9.73 25.12
C VAL C 388 39.95 -8.99 24.06
N LEU C 389 40.15 -9.35 22.80
CA LEU C 389 39.49 -8.65 21.71
C LEU C 389 37.99 -8.94 21.70
N ASP C 390 37.60 -10.16 22.05
CA ASP C 390 36.18 -10.46 22.16
C ASP C 390 35.53 -9.65 23.28
N ALA C 391 36.24 -9.48 24.39
CA ALA C 391 35.73 -8.66 25.48
C ALA C 391 35.59 -7.21 25.05
N THR C 392 36.56 -6.71 24.31
CA THR C 392 36.48 -5.35 23.80
C THR C 392 35.27 -5.18 22.88
N THR C 393 35.09 -6.12 21.96
CA THR C 393 33.95 -6.08 21.06
C THR C 393 32.65 -6.11 21.84
N THR C 394 32.56 -6.98 22.86
CA THR C 394 31.36 -7.04 23.68
C THR C 394 31.11 -5.71 24.38
N LEU C 395 32.16 -5.11 24.93
CA LEU C 395 32.04 -3.84 25.61
C LEU C 395 31.44 -2.78 24.69
N TYR C 396 32.00 -2.65 23.49
CA TYR C 396 31.56 -1.57 22.62
C TYR C 396 30.21 -1.88 21.98
N ASN C 397 29.90 -3.15 21.76
CA ASN C 397 28.54 -3.50 21.35
C ASN C 397 27.54 -3.15 22.42
N ALA C 398 27.90 -3.37 23.69
CA ALA C 398 27.02 -3.00 24.79
C ALA C 398 26.81 -1.49 24.83
N LYS C 399 27.87 -0.72 24.61
CA LYS C 399 27.73 0.73 24.55
C LYS C 399 26.77 1.14 23.43
N GLN C 400 26.94 0.54 22.25
CA GLN C 400 26.03 0.83 21.15
C GLN C 400 24.59 0.53 21.53
N GLN C 401 24.37 -0.64 22.14
CA GLN C 401 23.02 -1.03 22.51
C GLN C 401 22.44 -0.07 23.53
N LEU C 402 23.26 0.42 24.45
CA LEU C 402 22.81 1.38 25.45
C LEU C 402 22.35 2.68 24.79
N SER C 403 23.18 3.22 23.89
CA SER C 403 22.81 4.45 23.20
C SER C 403 21.52 4.27 22.42
N ASN C 404 21.44 3.17 21.65
CA ASN C 404 20.24 2.91 20.87
C ASN C 404 19.03 2.75 21.77
N ALA C 405 19.21 2.19 22.96
CA ALA C 405 18.10 2.05 23.89
C ALA C 405 17.60 3.40 24.37
N ARG C 406 18.52 4.31 24.68
CA ARG C 406 18.11 5.66 25.03
C ARG C 406 17.28 6.29 23.92
N TYR C 407 17.81 6.27 22.70
CA TYR C 407 17.12 6.92 21.60
C TYR C 407 15.77 6.26 21.33
N ASN C 408 15.70 4.93 21.46
CA ASN C 408 14.43 4.25 21.28
C ASN C 408 13.45 4.58 22.40
N TYR C 409 13.94 4.83 23.61
CA TYR C 409 13.07 5.28 24.68
C TYR C 409 12.42 6.60 24.31
N LEU C 410 13.21 7.53 23.78
CA LEU C 410 12.65 8.80 23.35
C LEU C 410 11.61 8.60 22.26
N ILE C 411 11.96 7.81 21.24
CA ILE C 411 11.04 7.57 20.14
C ILE C 411 9.75 6.95 20.65
N ASN C 412 9.83 6.08 21.65
CA ASN C 412 8.64 5.41 22.14
C ASN C 412 7.79 6.32 23.00
N GLU C 413 8.40 7.21 23.77
CA GLU C 413 7.64 8.27 24.41
C GLU C 413 6.84 9.06 23.38
N LEU C 414 7.47 9.40 22.27
CA LEU C 414 6.78 10.14 21.23
C LEU C 414 5.65 9.31 20.62
N ASN C 415 5.88 8.02 20.42
CA ASN C 415 4.82 7.17 19.87
C ASN C 415 3.63 7.10 20.82
N ILE C 416 3.90 7.00 22.12
CA ILE C 416 2.84 7.10 23.12
C ILE C 416 2.05 8.37 22.90
N LYS C 417 2.73 9.52 23.00
CA LYS C 417 2.03 10.80 22.86
C LYS C 417 1.33 10.93 21.51
N SER C 418 1.70 10.11 20.53
CA SER C 418 1.01 10.12 19.24
C SER C 418 -0.29 9.34 19.31
N ALA C 419 -0.25 8.13 19.86
CA ALA C 419 -1.47 7.34 20.02
C ALA C 419 -2.54 8.14 20.76
N LEU C 420 -2.12 8.89 21.78
CA LEU C 420 -3.03 9.74 22.53
C LEU C 420 -3.52 10.93 21.72
N GLY C 421 -2.96 11.17 20.55
CA GLY C 421 -3.31 12.37 19.80
C GLY C 421 -2.88 13.66 20.43
N THR C 422 -2.06 13.62 21.48
CA THR C 422 -1.61 14.80 22.20
C THR C 422 -0.16 15.15 21.81
N LEU C 423 0.18 14.94 20.55
CA LEU C 423 1.52 15.21 20.04
C LEU C 423 1.54 16.59 19.42
N ASN C 424 2.42 17.45 19.92
CA ASN C 424 2.50 18.82 19.46
C ASN C 424 3.87 19.38 19.83
N GLU C 425 4.09 20.64 19.49
CA GLU C 425 5.38 21.29 19.73
C GLU C 425 5.78 21.25 21.19
N GLN C 426 4.83 21.07 22.11
CA GLN C 426 5.17 21.07 23.53
C GLN C 426 6.00 19.84 23.91
N ASP C 427 5.63 18.67 23.39
CA ASP C 427 6.43 17.48 23.62
C ASP C 427 7.82 17.64 23.02
N LEU C 428 7.91 18.27 21.85
CA LEU C 428 9.21 18.53 21.25
C LEU C 428 10.03 19.48 22.10
N ILE C 429 9.39 20.43 22.79
CA ILE C 429 10.13 21.31 23.68
C ILE C 429 10.63 20.54 24.88
N ALA C 430 9.77 19.71 25.47
CA ALA C 430 10.21 18.85 26.56
C ALA C 430 11.41 18.02 26.15
N LEU C 431 11.40 17.52 24.91
CA LEU C 431 12.55 16.77 24.41
C LEU C 431 13.78 17.65 24.28
N ASN C 432 13.66 18.75 23.54
CA ASN C 432 14.80 19.62 23.29
C ASN C 432 15.46 20.06 24.59
N ASN C 433 14.67 20.20 25.65
CA ASN C 433 15.25 20.47 26.96
C ASN C 433 16.31 19.42 27.31
N THR C 434 16.12 18.20 26.82
CA THR C 434 17.09 17.14 27.07
C THR C 434 18.36 17.35 26.26
N LEU C 435 18.23 17.77 25.00
CA LEU C 435 19.38 17.89 24.13
C LEU C 435 20.34 18.95 24.65
N GLY C 436 21.64 18.65 24.56
CA GLY C 436 22.65 19.52 25.10
C GLY C 436 23.65 20.04 24.08
N LYS C 437 24.91 19.62 24.22
CA LYS C 437 25.97 20.17 23.41
C LYS C 437 25.84 19.72 21.96
N PRO C 438 26.37 20.48 21.02
CA PRO C 438 26.28 20.10 19.62
C PRO C 438 27.37 19.12 19.22
N ILE C 439 27.13 18.45 18.09
CA ILE C 439 28.04 17.47 17.54
C ILE C 439 27.86 17.45 16.03
N SER C 440 28.93 17.11 15.32
CA SER C 440 28.96 17.20 13.87
C SER C 440 28.48 15.91 13.23
N THR C 441 27.89 16.04 12.04
CA THR C 441 27.47 14.92 11.23
C THR C 441 28.53 14.48 10.23
N SER C 442 29.77 14.89 10.44
CA SER C 442 30.84 14.62 9.49
C SER C 442 31.29 13.18 9.63
N ALA C 443 32.38 12.83 8.96
CA ALA C 443 32.87 11.46 8.96
C ALA C 443 34.29 11.39 8.41
#